data_6IBB
#
_entry.id   6IBB
#
_cell.length_a   60.220
_cell.length_b   164.000
_cell.length_c   63.420
_cell.angle_alpha   90.00
_cell.angle_beta   102.63
_cell.angle_gamma   90.00
#
_symmetry.space_group_name_H-M   'P 1 21 1'
#
loop_
_entity.id
_entity.type
_entity.pdbx_description
1 polymer 'Succinate receptor 1'
2 polymer Nanobody6
3 non-polymer '(2R)-2,3-dihydroxypropyl (9Z)-octadec-9-enoate'
4 non-polymer GLYCEROL
5 non-polymer (2~{S},5~{R})-hexane-2,5-diol
6 non-polymer CHOLESTEROL
7 water water
#
loop_
_entity_poly.entity_id
_entity_poly.type
_entity_poly.pdbx_seq_one_letter_code
_entity_poly.pdbx_strand_id
1 'polypeptide(L)'
;DYKDDDDKAQNLSCENWLALENILKKYYLSAFYGIEFIVGMLGNFTVVFGYLFCMKNWNSSNVYLFNLSISDLAFLCTLP
MLIRSYATGNWTYGDVLCISNRYVLHANLYTSILFLTFISIDRYLLMKFPFREHILQKKEFAILISLAVWVLVTLEVLPM
LTFITSTPIEKGDSCVDYASSGNPKYSLIYSLCLTLLGFLIPLSVMCFFYYKMVVFLKKRSQQQATVLSLNKPLRLVVLA
VVIFSVLFTPYHIMRNVRIASRLDSWPQGCSQKAIKCLYILTRPLAFLNSAVNPIFYFLVGDHFRDMLFSKLRQYFKSLT
SFRLLEVLFQGPHHHHHHHHHH
;
A,C
2 'polypeptide(L)'
;DYKDDDDKEVQLVESGGGLVQPGGSLRLSCEASGYTLANYAIGWFRQAPGKEREGVSCISSGGSTVYSESVKDRFTISRD
NAKKIVYLQMNSLQPEDTAVYYCAADPFGERLCIDPNTFAGYLETWGQGTQVTVSSLEVLFQ
;
B,D
#
loop_
_chem_comp.id
_chem_comp.type
_chem_comp.name
_chem_comp.formula
CLR non-polymer CHOLESTEROL 'C27 H46 O'
GOL non-polymer GLYCEROL 'C3 H8 O3'
H95 non-polymer (2~{S},5~{R})-hexane-2,5-diol 'C6 H14 O2'
OLC non-polymer '(2R)-2,3-dihydroxypropyl (9Z)-octadec-9-enoate' 'C21 H40 O4'
#
# COMPACT_ATOMS: atom_id res chain seq x y z
N SER A 13 -15.36 30.11 0.28
CA SER A 13 -14.09 30.05 1.01
C SER A 13 -13.60 28.60 1.18
N CYS A 14 -14.48 27.69 1.66
CA CYS A 14 -14.17 26.25 1.83
C CYS A 14 -15.12 25.36 0.99
N GLU A 15 -15.79 25.97 -0.03
CA GLU A 15 -16.74 25.27 -0.89
C GLU A 15 -16.08 24.14 -1.69
N ASN A 16 -14.79 24.31 -2.09
CA ASN A 16 -14.04 23.27 -2.81
C ASN A 16 -13.86 22.02 -1.96
N TRP A 17 -13.38 22.16 -0.70
CA TRP A 17 -13.26 21.07 0.26
C TRP A 17 -14.62 20.40 0.54
N LEU A 18 -15.69 21.17 0.49
CA LEU A 18 -17.05 20.66 0.71
C LEU A 18 -17.55 19.81 -0.46
N ALA A 19 -17.30 20.29 -1.69
CA ALA A 19 -17.68 19.60 -2.92
C ALA A 19 -16.90 18.28 -3.04
N LEU A 20 -15.60 18.33 -2.67
CA LEU A 20 -14.64 17.22 -2.66
C LEU A 20 -15.09 16.15 -1.64
N GLU A 21 -15.46 16.59 -0.44
CA GLU A 21 -15.96 15.72 0.65
C GLU A 21 -17.20 14.93 0.20
N ASN A 22 -18.09 15.56 -0.58
CA ASN A 22 -19.31 14.93 -1.10
C ASN A 22 -19.01 13.90 -2.17
N ILE A 23 -18.07 14.22 -3.05
CA ILE A 23 -17.54 13.40 -4.15
C ILE A 23 -16.80 12.16 -3.60
N LEU A 24 -16.00 12.35 -2.53
CA LEU A 24 -15.27 11.31 -1.82
C LEU A 24 -16.23 10.32 -1.21
N LYS A 25 -17.33 10.78 -0.60
CA LYS A 25 -18.32 9.89 -0.04
C LYS A 25 -19.11 9.18 -1.11
N LYS A 26 -19.63 9.93 -2.07
CA LYS A 26 -20.47 9.42 -3.16
C LYS A 26 -19.74 8.41 -4.07
N TYR A 27 -18.52 8.72 -4.53
CA TYR A 27 -17.80 7.91 -5.52
C TYR A 27 -16.58 7.12 -5.01
N TYR A 28 -15.75 7.71 -4.15
CA TYR A 28 -14.57 7.03 -3.66
C TYR A 28 -14.93 5.95 -2.61
N LEU A 29 -15.69 6.33 -1.56
CA LEU A 29 -16.09 5.36 -0.51
C LEU A 29 -16.89 4.20 -1.08
N SER A 30 -17.88 4.48 -1.93
CA SER A 30 -18.74 3.45 -2.51
C SER A 30 -17.99 2.51 -3.46
N ALA A 31 -17.02 3.01 -4.29
CA ALA A 31 -16.20 2.18 -5.19
C ALA A 31 -15.17 1.33 -4.41
N PHE A 32 -14.43 1.96 -3.45
CA PHE A 32 -13.46 1.25 -2.61
C PHE A 32 -14.16 0.22 -1.69
N TYR A 33 -15.29 0.58 -1.03
CA TYR A 33 -15.99 -0.43 -0.23
C TYR A 33 -16.55 -1.58 -1.11
N GLY A 34 -17.02 -1.24 -2.32
CA GLY A 34 -17.50 -2.21 -3.32
C GLY A 34 -16.46 -3.24 -3.74
N ILE A 35 -15.18 -2.82 -3.92
CA ILE A 35 -14.08 -3.74 -4.27
C ILE A 35 -13.78 -4.63 -3.06
N GLU A 36 -13.67 -4.03 -1.86
CA GLU A 36 -13.47 -4.76 -0.60
C GLU A 36 -14.53 -5.81 -0.36
N PHE A 37 -15.79 -5.47 -0.65
CA PHE A 37 -16.90 -6.41 -0.54
C PHE A 37 -16.72 -7.67 -1.43
N ILE A 38 -16.38 -7.50 -2.72
CA ILE A 38 -16.17 -8.62 -3.66
C ILE A 38 -14.97 -9.48 -3.24
N VAL A 39 -13.78 -8.87 -3.15
CA VAL A 39 -12.53 -9.53 -2.76
C VAL A 39 -12.67 -10.23 -1.42
N GLY A 40 -13.18 -9.52 -0.42
CA GLY A 40 -13.42 -10.00 0.94
C GLY A 40 -14.40 -11.14 1.05
N MET A 41 -15.54 -11.05 0.36
CA MET A 41 -16.58 -12.08 0.35
C MET A 41 -16.06 -13.37 -0.30
N LEU A 42 -15.40 -13.29 -1.47
CA LEU A 42 -14.83 -14.43 -2.18
C LEU A 42 -13.70 -15.11 -1.41
N GLY A 43 -12.72 -14.32 -0.95
CA GLY A 43 -11.57 -14.82 -0.21
C GLY A 43 -11.96 -15.48 1.10
N ASN A 44 -12.88 -14.87 1.84
CA ASN A 44 -13.33 -15.39 3.14
C ASN A 44 -14.24 -16.59 3.00
N PHE A 45 -15.07 -16.70 1.94
CA PHE A 45 -15.87 -17.92 1.78
C PHE A 45 -14.99 -19.10 1.33
N THR A 46 -13.97 -18.85 0.49
CA THR A 46 -12.99 -19.85 0.04
C THR A 46 -12.30 -20.57 1.22
N VAL A 47 -11.64 -19.78 2.09
CA VAL A 47 -10.89 -20.27 3.26
C VAL A 47 -11.86 -20.86 4.34
N VAL A 48 -13.07 -20.26 4.57
CA VAL A 48 -14.07 -20.74 5.54
C VAL A 48 -14.58 -22.13 5.13
N PHE A 49 -15.03 -22.28 3.86
CA PHE A 49 -15.47 -23.56 3.31
C PHE A 49 -14.30 -24.54 3.21
N GLY A 50 -13.10 -24.01 2.93
CA GLY A 50 -11.86 -24.77 2.92
C GLY A 50 -11.57 -25.42 4.26
N TYR A 51 -11.82 -24.70 5.38
CA TYR A 51 -11.65 -25.24 6.73
C TYR A 51 -12.74 -26.24 7.11
N LEU A 52 -14.00 -25.95 6.72
CA LEU A 52 -15.13 -26.83 7.03
C LEU A 52 -15.10 -28.13 6.19
N PHE A 53 -14.44 -28.12 5.01
CA PHE A 53 -14.31 -29.32 4.16
C PHE A 53 -12.99 -30.09 4.29
N CYS A 54 -11.83 -29.40 4.42
CA CYS A 54 -10.49 -30.01 4.49
C CYS A 54 -9.97 -30.31 5.90
N MET A 55 -10.07 -29.32 6.82
CA MET A 55 -9.51 -29.41 8.18
C MET A 55 -10.39 -30.19 9.15
N LYS A 56 -9.90 -31.37 9.59
CA LYS A 56 -10.62 -32.24 10.53
C LYS A 56 -10.06 -32.17 11.95
N ASN A 57 -8.78 -31.76 12.11
CA ASN A 57 -8.15 -31.60 13.43
C ASN A 57 -7.52 -30.21 13.51
N TRP A 58 -8.13 -29.34 14.31
CA TRP A 58 -7.70 -27.94 14.40
C TRP A 58 -6.74 -27.67 15.54
N ASN A 59 -5.70 -26.88 15.26
CA ASN A 59 -4.75 -26.43 16.28
C ASN A 59 -5.16 -24.97 16.68
N SER A 60 -4.34 -24.30 17.52
CA SER A 60 -4.57 -22.92 17.95
C SER A 60 -4.69 -21.92 16.81
N SER A 61 -3.74 -21.95 15.82
CA SER A 61 -3.74 -21.06 14.66
C SER A 61 -5.02 -21.22 13.83
N ASN A 62 -5.49 -22.48 13.63
CA ASN A 62 -6.71 -22.80 12.88
C ASN A 62 -7.95 -22.14 13.48
N VAL A 63 -8.06 -22.16 14.84
CA VAL A 63 -9.15 -21.58 15.60
C VAL A 63 -9.14 -20.04 15.42
N TYR A 64 -7.96 -19.39 15.60
CA TYR A 64 -7.88 -17.92 15.47
C TYR A 64 -8.18 -17.44 14.07
N LEU A 65 -7.65 -18.14 13.05
CA LEU A 65 -7.83 -17.82 11.64
C LEU A 65 -9.31 -17.91 11.30
N PHE A 66 -9.97 -18.99 11.77
CA PHE A 66 -11.40 -19.18 11.51
C PHE A 66 -12.24 -18.03 12.11
N ASN A 67 -11.87 -17.62 13.34
CA ASN A 67 -12.45 -16.52 14.10
C ASN A 67 -12.21 -15.20 13.39
N LEU A 68 -11.01 -15.01 12.83
CA LEU A 68 -10.64 -13.82 12.05
C LEU A 68 -11.57 -13.66 10.84
N SER A 69 -11.92 -14.79 10.19
CA SER A 69 -12.84 -14.87 9.06
C SER A 69 -14.28 -14.59 9.44
N ILE A 70 -14.74 -14.96 10.67
CA ILE A 70 -16.10 -14.68 11.15
C ILE A 70 -16.21 -13.16 11.37
N SER A 71 -15.20 -12.56 12.03
CA SER A 71 -15.07 -11.13 12.27
C SER A 71 -15.15 -10.35 10.92
N ASP A 72 -14.43 -10.81 9.86
CA ASP A 72 -14.41 -10.19 8.54
C ASP A 72 -15.77 -10.26 7.88
N LEU A 73 -16.37 -11.47 7.84
CA LEU A 73 -17.71 -11.68 7.26
C LEU A 73 -18.79 -10.81 7.93
N ALA A 74 -18.71 -10.63 9.27
CA ALA A 74 -19.64 -9.81 10.06
C ALA A 74 -19.59 -8.36 9.54
N PHE A 75 -18.38 -7.83 9.29
CA PHE A 75 -18.17 -6.49 8.75
C PHE A 75 -18.55 -6.41 7.26
N LEU A 76 -18.06 -7.36 6.43
CA LEU A 76 -18.30 -7.36 4.98
C LEU A 76 -19.79 -7.47 4.61
N CYS A 77 -20.58 -8.11 5.48
CA CYS A 77 -22.03 -8.24 5.27
C CYS A 77 -22.80 -6.92 5.42
N THR A 78 -22.20 -5.88 6.06
CA THR A 78 -22.78 -4.54 6.27
C THR A 78 -22.46 -3.57 5.11
N LEU A 79 -21.36 -3.85 4.38
CA LEU A 79 -20.87 -3.04 3.28
C LEU A 79 -21.94 -2.73 2.22
N PRO A 80 -22.79 -3.68 1.73
CA PRO A 80 -23.83 -3.28 0.75
C PRO A 80 -24.71 -2.12 1.22
N MET A 81 -24.98 -2.01 2.56
CA MET A 81 -25.77 -0.91 3.15
C MET A 81 -25.02 0.41 3.10
N LEU A 82 -23.75 0.39 3.46
CA LEU A 82 -22.85 1.54 3.43
C LEU A 82 -22.70 2.05 1.99
N ILE A 83 -22.41 1.15 1.03
CA ILE A 83 -22.27 1.48 -0.38
C ILE A 83 -23.55 2.19 -0.90
N ARG A 84 -24.75 1.66 -0.60
CA ARG A 84 -26.01 2.29 -1.04
C ARG A 84 -26.24 3.63 -0.39
N SER A 85 -26.05 3.72 0.95
CA SER A 85 -26.22 4.98 1.66
C SER A 85 -25.27 6.08 1.14
N TYR A 86 -24.03 5.72 0.79
CA TYR A 86 -23.05 6.69 0.27
C TYR A 86 -23.36 7.13 -1.16
N ALA A 87 -23.71 6.15 -2.03
CA ALA A 87 -24.02 6.38 -3.44
C ALA A 87 -25.25 7.27 -3.63
N THR A 88 -26.24 7.16 -2.72
CA THR A 88 -27.49 7.93 -2.75
C THR A 88 -27.47 9.11 -1.75
N GLY A 89 -26.51 9.13 -0.84
CA GLY A 89 -26.37 10.18 0.17
C GLY A 89 -27.42 10.15 1.27
N ASN A 90 -28.13 9.01 1.43
CA ASN A 90 -29.18 8.87 2.43
C ASN A 90 -29.21 7.47 3.10
N TRP A 91 -29.28 7.43 4.46
CA TRP A 91 -29.35 6.21 5.26
C TRP A 91 -30.82 5.85 5.46
N THR A 92 -31.29 4.75 4.83
CA THR A 92 -32.72 4.37 4.91
C THR A 92 -32.98 3.14 5.77
N TYR A 93 -31.94 2.63 6.45
CA TYR A 93 -31.99 1.40 7.23
C TYR A 93 -32.33 1.57 8.71
N GLY A 94 -32.50 2.82 9.15
CA GLY A 94 -32.84 3.11 10.54
C GLY A 94 -31.69 3.07 11.53
N ASP A 95 -31.99 3.54 12.74
CA ASP A 95 -31.12 3.72 13.90
C ASP A 95 -30.39 2.48 14.37
N VAL A 96 -31.12 1.36 14.61
CA VAL A 96 -30.58 0.09 15.14
C VAL A 96 -29.49 -0.52 14.26
N LEU A 97 -29.76 -0.63 12.95
CA LEU A 97 -28.79 -1.14 11.98
C LEU A 97 -27.61 -0.20 11.85
N CYS A 98 -27.81 1.11 12.07
CA CYS A 98 -26.74 2.09 12.05
C CYS A 98 -25.77 1.82 13.23
N ILE A 99 -26.32 1.61 14.45
CA ILE A 99 -25.57 1.29 15.66
C ILE A 99 -24.84 -0.06 15.49
N SER A 100 -25.57 -1.12 15.10
CA SER A 100 -25.00 -2.46 14.99
C SER A 100 -23.92 -2.55 13.91
N ASN A 101 -24.02 -1.74 12.84
CA ASN A 101 -23.01 -1.71 11.78
C ASN A 101 -21.76 -0.99 12.24
N ARG A 102 -21.91 0.11 13.03
CA ARG A 102 -20.78 0.87 13.59
C ARG A 102 -19.99 -0.05 14.55
N TYR A 103 -20.70 -0.96 15.26
CA TYR A 103 -20.12 -1.88 16.21
C TYR A 103 -19.30 -2.96 15.53
N VAL A 104 -19.85 -3.63 14.49
CA VAL A 104 -19.15 -4.73 13.76
C VAL A 104 -17.93 -4.21 12.97
N LEU A 105 -17.98 -2.95 12.50
CA LEU A 105 -16.88 -2.29 11.81
C LEU A 105 -15.70 -2.19 12.78
N HIS A 106 -15.93 -1.63 13.99
CA HIS A 106 -14.89 -1.46 14.99
C HIS A 106 -14.49 -2.78 15.64
N ALA A 107 -15.46 -3.71 15.87
CA ALA A 107 -15.17 -5.06 16.42
C ALA A 107 -14.28 -5.81 15.44
N ASN A 108 -14.50 -5.67 14.11
CA ASN A 108 -13.60 -6.24 13.11
C ASN A 108 -12.18 -5.66 13.17
N LEU A 109 -12.01 -4.33 13.21
CA LEU A 109 -10.67 -3.73 13.28
C LEU A 109 -9.81 -4.28 14.43
N TYR A 110 -10.39 -4.27 15.63
CA TYR A 110 -9.76 -4.58 16.90
C TYR A 110 -9.67 -6.06 17.20
N THR A 111 -10.65 -6.91 16.81
CA THR A 111 -10.50 -8.36 17.01
C THR A 111 -9.47 -8.88 16.02
N SER A 112 -9.38 -8.30 14.81
CA SER A 112 -8.44 -8.68 13.77
C SER A 112 -7.00 -8.63 14.20
N ILE A 113 -6.55 -7.47 14.73
CA ILE A 113 -5.17 -7.29 15.19
C ILE A 113 -4.91 -8.19 16.42
N LEU A 114 -5.93 -8.44 17.28
CA LEU A 114 -5.76 -9.34 18.42
C LEU A 114 -5.67 -10.81 17.99
N PHE A 115 -6.47 -11.22 16.99
CA PHE A 115 -6.38 -12.59 16.47
C PHE A 115 -4.98 -12.85 15.90
N LEU A 116 -4.39 -11.86 15.21
CA LEU A 116 -3.04 -11.94 14.66
C LEU A 116 -1.96 -11.92 15.74
N THR A 117 -2.21 -11.23 16.85
CA THR A 117 -1.32 -11.18 17.99
C THR A 117 -1.23 -12.59 18.56
N PHE A 118 -2.38 -13.25 18.72
CA PHE A 118 -2.44 -14.60 19.27
C PHE A 118 -1.91 -15.64 18.30
N ILE A 119 -2.11 -15.49 16.97
CA ILE A 119 -1.47 -16.39 15.98
C ILE A 119 0.07 -16.26 16.10
N SER A 120 0.61 -15.02 16.17
CA SER A 120 2.07 -14.75 16.35
C SER A 120 2.67 -15.42 17.59
N ILE A 121 1.90 -15.47 18.71
CA ILE A 121 2.34 -16.10 19.95
C ILE A 121 2.29 -17.63 19.74
N ASP A 122 1.30 -18.11 18.97
CA ASP A 122 1.21 -19.52 18.65
C ASP A 122 2.43 -19.95 17.81
N ARG A 123 2.80 -19.15 16.77
CA ARG A 123 3.93 -19.44 15.87
C ARG A 123 5.25 -19.43 16.62
N TYR A 124 5.41 -18.53 17.59
CA TYR A 124 6.60 -18.45 18.42
C TYR A 124 6.67 -19.68 19.32
N LEU A 125 5.55 -20.03 19.98
CA LEU A 125 5.52 -21.19 20.88
C LEU A 125 5.78 -22.48 20.14
N LEU A 126 5.26 -22.58 18.90
CA LEU A 126 5.41 -23.75 18.05
C LEU A 126 6.85 -23.94 17.57
N MET A 127 7.57 -22.83 17.41
CA MET A 127 8.97 -22.80 17.03
C MET A 127 9.80 -23.47 18.12
N LYS A 128 9.49 -23.21 19.41
CA LYS A 128 10.21 -23.78 20.55
C LYS A 128 9.66 -25.14 20.95
N PHE A 129 8.33 -25.32 20.88
CA PHE A 129 7.69 -26.57 21.25
C PHE A 129 6.80 -27.05 20.12
N PRO A 130 7.41 -27.67 19.08
CA PRO A 130 6.60 -28.14 17.91
C PRO A 130 5.53 -29.20 18.18
N PHE A 131 5.59 -29.87 19.33
CA PHE A 131 4.67 -30.96 19.67
C PHE A 131 3.50 -30.49 20.51
N ARG A 132 3.38 -29.15 20.68
CA ARG A 132 2.30 -28.46 21.40
C ARG A 132 2.03 -29.05 22.78
N GLU A 133 3.08 -29.22 23.57
CA GLU A 133 2.95 -29.84 24.88
C GLU A 133 2.41 -28.87 25.95
N HIS A 134 2.57 -27.55 25.73
CA HIS A 134 2.14 -26.50 26.67
C HIS A 134 0.66 -26.13 26.54
N ILE A 135 0.01 -25.78 27.68
CA ILE A 135 -1.42 -25.45 27.79
C ILE A 135 -1.82 -24.35 26.80
N LEU A 136 -0.98 -23.31 26.64
CA LEU A 136 -1.22 -22.22 25.72
C LEU A 136 -1.23 -22.66 24.24
N GLN A 137 -0.70 -23.86 23.94
CA GLN A 137 -0.62 -24.43 22.58
C GLN A 137 -1.80 -25.35 22.21
N LYS A 138 -2.77 -25.54 23.12
CA LYS A 138 -3.93 -26.41 22.92
C LYS A 138 -5.11 -25.68 22.29
N LYS A 139 -5.93 -26.41 21.48
CA LYS A 139 -7.06 -25.81 20.78
C LYS A 139 -8.18 -25.39 21.71
N GLU A 140 -8.34 -26.05 22.88
CA GLU A 140 -9.37 -25.72 23.87
C GLU A 140 -9.05 -24.37 24.48
N PHE A 141 -7.75 -24.11 24.68
CA PHE A 141 -7.26 -22.83 25.19
C PHE A 141 -7.50 -21.73 24.13
N ALA A 142 -7.27 -22.04 22.84
CA ALA A 142 -7.47 -21.12 21.72
C ALA A 142 -8.93 -20.64 21.65
N ILE A 143 -9.90 -21.56 21.87
CA ILE A 143 -11.35 -21.29 21.91
C ILE A 143 -11.70 -20.31 23.05
N LEU A 144 -11.20 -20.53 24.27
CA LEU A 144 -11.43 -19.63 25.42
C LEU A 144 -10.86 -18.22 25.20
N ILE A 145 -9.64 -18.14 24.64
CA ILE A 145 -8.92 -16.91 24.28
C ILE A 145 -9.74 -16.17 23.24
N SER A 146 -10.24 -16.91 22.21
CA SER A 146 -11.03 -16.34 21.12
C SER A 146 -12.29 -15.65 21.65
N LEU A 147 -12.99 -16.30 22.59
CA LEU A 147 -14.15 -15.81 23.30
C LEU A 147 -13.78 -14.55 24.14
N ALA A 148 -12.58 -14.55 24.79
CA ALA A 148 -12.06 -13.43 25.58
C ALA A 148 -11.73 -12.22 24.71
N VAL A 149 -11.28 -12.44 23.45
CA VAL A 149 -10.98 -11.40 22.43
C VAL A 149 -12.32 -10.73 22.07
N TRP A 150 -13.37 -11.53 21.83
CA TRP A 150 -14.71 -11.02 21.55
C TRP A 150 -15.29 -10.24 22.73
N VAL A 151 -15.04 -10.68 23.97
CA VAL A 151 -15.58 -9.98 25.14
C VAL A 151 -14.82 -8.66 25.37
N LEU A 152 -13.48 -8.70 25.33
CA LEU A 152 -12.64 -7.52 25.57
C LEU A 152 -12.88 -6.43 24.55
N VAL A 153 -12.89 -6.78 23.24
CA VAL A 153 -13.10 -5.80 22.17
C VAL A 153 -14.50 -5.15 22.26
N THR A 154 -15.56 -5.94 22.56
CA THR A 154 -16.92 -5.45 22.77
C THR A 154 -16.94 -4.38 23.86
N LEU A 155 -16.20 -4.60 24.96
CA LEU A 155 -16.13 -3.64 26.06
C LEU A 155 -15.28 -2.43 25.71
N GLU A 156 -14.29 -2.60 24.85
CA GLU A 156 -13.45 -1.49 24.36
C GLU A 156 -14.27 -0.54 23.44
N VAL A 157 -15.17 -1.12 22.61
CA VAL A 157 -16.01 -0.44 21.62
C VAL A 157 -17.32 0.13 22.28
N LEU A 158 -17.84 -0.50 23.33
CA LEU A 158 -19.04 -0.08 24.06
C LEU A 158 -19.06 1.43 24.45
N PRO A 159 -17.98 2.06 25.04
CA PRO A 159 -18.05 3.50 25.37
C PRO A 159 -18.42 4.45 24.23
N MET A 160 -18.29 4.01 22.96
CA MET A 160 -18.68 4.77 21.74
C MET A 160 -20.18 5.12 21.79
N LEU A 161 -20.97 4.27 22.47
CA LEU A 161 -22.42 4.42 22.63
C LEU A 161 -22.80 5.76 23.26
N THR A 162 -21.95 6.28 24.17
CA THR A 162 -22.14 7.57 24.86
C THR A 162 -21.90 8.75 23.91
N PHE A 163 -21.18 8.50 22.82
CA PHE A 163 -20.83 9.53 21.84
C PHE A 163 -21.90 9.70 20.79
N ILE A 164 -22.80 8.71 20.67
CA ILE A 164 -23.92 8.72 19.72
C ILE A 164 -24.88 9.90 19.99
N THR A 165 -24.94 10.40 21.25
CA THR A 165 -25.79 11.54 21.62
C THR A 165 -25.44 12.76 20.74
N SER A 166 -26.45 13.23 19.97
CA SER A 166 -26.41 14.34 19.00
C SER A 166 -25.42 14.06 17.86
N SER A 174 -27.67 11.26 9.27
CA SER A 174 -28.26 9.96 8.96
C SER A 174 -27.50 8.83 9.68
N CYS A 175 -26.40 8.26 9.12
CA CYS A 175 -25.55 7.31 9.85
C CYS A 175 -24.10 7.80 9.84
N VAL A 176 -23.79 8.72 10.75
CA VAL A 176 -22.49 9.40 10.84
C VAL A 176 -21.39 8.46 11.37
N ASP A 177 -20.11 8.80 11.04
CA ASP A 177 -18.94 8.09 11.50
C ASP A 177 -18.77 8.51 12.96
N TYR A 178 -18.23 7.60 13.82
CA TYR A 178 -18.06 7.89 15.25
C TYR A 178 -17.34 9.24 15.50
N ALA A 179 -16.32 9.56 14.69
CA ALA A 179 -15.51 10.78 14.79
C ALA A 179 -16.29 12.09 14.57
N SER A 180 -17.55 12.01 14.12
CA SER A 180 -18.43 13.17 13.89
C SER A 180 -19.40 13.46 15.04
N SER A 181 -19.76 12.46 15.88
CA SER A 181 -20.77 12.67 16.94
C SER A 181 -20.21 12.78 18.36
N GLY A 182 -20.95 13.50 19.22
CA GLY A 182 -20.65 13.66 20.63
C GLY A 182 -19.68 14.77 20.96
N ASN A 183 -19.40 14.94 22.26
CA ASN A 183 -18.48 15.96 22.77
C ASN A 183 -17.03 15.63 22.35
N PRO A 184 -16.35 16.51 21.57
CA PRO A 184 -14.97 16.20 21.13
C PRO A 184 -13.93 16.09 22.26
N LYS A 185 -14.14 16.81 23.38
CA LYS A 185 -13.23 16.78 24.53
C LYS A 185 -13.13 15.36 25.10
N TYR A 186 -14.28 14.70 25.34
CA TYR A 186 -14.32 13.34 25.88
C TYR A 186 -14.03 12.28 24.82
N SER A 187 -14.54 12.50 23.60
CA SER A 187 -14.36 11.61 22.46
C SER A 187 -12.89 11.47 22.07
N LEU A 188 -12.10 12.57 22.16
CA LEU A 188 -10.68 12.54 21.83
C LEU A 188 -9.91 11.66 22.80
N ILE A 189 -10.17 11.81 24.11
CA ILE A 189 -9.56 10.97 25.14
C ILE A 189 -9.89 9.49 24.84
N TYR A 190 -11.20 9.17 24.66
CA TYR A 190 -11.61 7.80 24.36
C TYR A 190 -10.96 7.25 23.11
N SER A 191 -10.91 8.05 22.03
CA SER A 191 -10.29 7.70 20.75
C SER A 191 -8.83 7.39 20.94
N LEU A 192 -8.11 8.24 21.69
CA LEU A 192 -6.70 8.08 22.03
C LEU A 192 -6.47 6.80 22.86
N CYS A 193 -7.33 6.50 23.87
CA CYS A 193 -7.24 5.25 24.64
C CYS A 193 -7.53 4.05 23.73
N LEU A 194 -8.54 4.16 22.82
CA LEU A 194 -8.91 3.08 21.90
C LEU A 194 -7.78 2.79 20.88
N THR A 195 -7.05 3.86 20.43
CA THR A 195 -5.90 3.74 19.53
C THR A 195 -4.80 2.92 20.27
N LEU A 196 -4.48 3.32 21.52
CA LEU A 196 -3.50 2.66 22.39
C LEU A 196 -3.86 1.18 22.71
N LEU A 197 -5.00 0.95 23.39
CA LEU A 197 -5.44 -0.41 23.75
C LEU A 197 -5.75 -1.31 22.54
N GLY A 198 -6.46 -0.79 21.54
CA GLY A 198 -6.86 -1.56 20.37
C GLY A 198 -5.86 -1.74 19.26
N PHE A 199 -4.97 -0.73 19.02
CA PHE A 199 -4.01 -0.81 17.93
C PHE A 199 -2.56 -0.92 18.38
N LEU A 200 -2.04 0.10 19.07
CA LEU A 200 -0.62 0.20 19.43
C LEU A 200 -0.09 -0.91 20.35
N ILE A 201 -0.82 -1.27 21.42
CA ILE A 201 -0.37 -2.33 22.34
C ILE A 201 -0.36 -3.69 21.60
N PRO A 202 -1.42 -4.14 20.86
CA PRO A 202 -1.30 -5.44 20.16
C PRO A 202 -0.20 -5.43 19.09
N LEU A 203 0.04 -4.27 18.48
CA LEU A 203 1.06 -4.11 17.46
C LEU A 203 2.45 -4.30 18.08
N SER A 204 2.74 -3.64 19.21
CA SER A 204 4.03 -3.79 19.90
C SER A 204 4.23 -5.20 20.46
N VAL A 205 3.13 -5.87 20.89
CA VAL A 205 3.17 -7.25 21.38
C VAL A 205 3.65 -8.17 20.25
N MET A 206 3.17 -7.97 19.00
CA MET A 206 3.61 -8.73 17.81
C MET A 206 5.07 -8.47 17.52
N CYS A 207 5.50 -7.18 17.60
CA CYS A 207 6.88 -6.73 17.43
C CYS A 207 7.81 -7.40 18.45
N PHE A 208 7.35 -7.50 19.72
CA PHE A 208 8.05 -8.15 20.83
C PHE A 208 8.28 -9.61 20.50
N PHE A 209 7.20 -10.30 20.03
CA PHE A 209 7.27 -11.71 19.66
C PHE A 209 8.09 -11.91 18.40
N TYR A 210 8.13 -10.90 17.50
CA TYR A 210 8.96 -10.92 16.29
C TYR A 210 10.44 -10.98 16.71
N TYR A 211 10.84 -10.10 17.64
CA TYR A 211 12.18 -10.02 18.18
C TYR A 211 12.63 -11.35 18.83
N LYS A 212 11.77 -11.98 19.66
CA LYS A 212 12.05 -13.26 20.35
C LYS A 212 12.30 -14.42 19.38
N MET A 213 11.52 -14.49 18.29
CA MET A 213 11.67 -15.50 17.23
C MET A 213 13.05 -15.39 16.57
N VAL A 214 13.49 -14.14 16.28
CA VAL A 214 14.78 -13.81 15.66
C VAL A 214 15.93 -14.28 16.56
N VAL A 215 15.85 -13.99 17.86
CA VAL A 215 16.84 -14.41 18.87
C VAL A 215 16.96 -15.94 18.90
N PHE A 216 15.82 -16.67 18.82
CA PHE A 216 15.75 -18.14 18.83
C PHE A 216 16.40 -18.70 17.57
N LEU A 217 16.10 -18.09 16.41
CA LEU A 217 16.67 -18.52 15.14
C LEU A 217 18.19 -18.24 15.04
N LYS A 218 18.62 -17.02 15.43
CA LYS A 218 20.03 -16.61 15.42
C LYS A 218 20.90 -17.51 16.33
N LYS A 219 20.30 -18.09 17.40
CA LYS A 219 20.95 -19.01 18.35
C LYS A 219 21.11 -20.43 17.78
N ARG A 220 20.43 -20.74 16.66
CA ARG A 220 20.41 -22.06 16.02
C ARG A 220 20.74 -21.99 14.51
N ASN A 231 13.53 -18.80 8.65
CA ASN A 231 12.89 -17.62 8.09
C ASN A 231 11.39 -17.81 7.82
N LYS A 232 10.96 -19.05 7.49
CA LYS A 232 9.56 -19.40 7.24
C LYS A 232 8.58 -19.03 8.42
N PRO A 233 8.88 -19.26 9.72
CA PRO A 233 7.91 -18.84 10.76
C PRO A 233 7.85 -17.34 10.99
N LEU A 234 8.86 -16.58 10.52
CA LEU A 234 8.91 -15.12 10.67
C LEU A 234 8.00 -14.40 9.68
N ARG A 235 7.63 -15.07 8.55
CA ARG A 235 6.81 -14.47 7.49
C ARG A 235 5.51 -13.85 8.03
N LEU A 236 4.70 -14.68 8.74
CA LEU A 236 3.41 -14.31 9.32
C LEU A 236 3.49 -13.04 10.17
N VAL A 237 4.46 -12.98 11.11
CA VAL A 237 4.63 -11.86 12.04
C VAL A 237 5.10 -10.61 11.34
N VAL A 238 6.08 -10.74 10.43
CA VAL A 238 6.57 -9.61 9.66
C VAL A 238 5.43 -9.01 8.84
N LEU A 239 4.65 -9.87 8.14
CA LEU A 239 3.54 -9.47 7.31
C LEU A 239 2.42 -8.81 8.11
N ALA A 240 2.06 -9.38 9.28
CA ALA A 240 1.05 -8.82 10.17
C ALA A 240 1.52 -7.47 10.70
N VAL A 241 2.79 -7.33 11.15
CA VAL A 241 3.31 -6.02 11.59
C VAL A 241 3.23 -4.97 10.43
N VAL A 242 3.62 -5.36 9.21
CA VAL A 242 3.61 -4.51 8.02
C VAL A 242 2.19 -4.11 7.62
N ILE A 243 1.29 -5.10 7.37
CA ILE A 243 -0.10 -4.87 6.99
C ILE A 243 -0.80 -3.93 8.02
N PHE A 244 -0.72 -4.24 9.34
CA PHE A 244 -1.38 -3.40 10.35
C PHE A 244 -0.73 -2.02 10.49
N SER A 245 0.63 -1.96 10.46
CA SER A 245 1.34 -0.67 10.53
C SER A 245 0.90 0.25 9.39
N VAL A 246 0.88 -0.28 8.17
CA VAL A 246 0.53 0.49 6.97
C VAL A 246 -0.96 0.80 6.84
N LEU A 247 -1.83 -0.17 7.15
CA LEU A 247 -3.28 0.04 7.00
C LEU A 247 -3.95 0.84 8.15
N PHE A 248 -3.52 0.65 9.39
CA PHE A 248 -4.14 1.26 10.57
C PHE A 248 -3.58 2.62 10.98
N THR A 249 -2.28 2.91 10.70
CA THR A 249 -1.62 4.17 11.08
C THR A 249 -2.31 5.40 10.46
N PRO A 250 -2.53 5.53 9.12
CA PRO A 250 -3.18 6.77 8.60
C PRO A 250 -4.59 6.95 9.15
N TYR A 251 -5.38 5.87 9.21
CA TYR A 251 -6.71 5.92 9.78
C TYR A 251 -6.70 6.41 11.26
N HIS A 252 -5.84 5.82 12.12
CA HIS A 252 -5.73 6.19 13.55
C HIS A 252 -5.19 7.59 13.79
N ILE A 253 -4.26 8.09 12.96
CA ILE A 253 -3.78 9.47 13.08
C ILE A 253 -4.95 10.42 12.72
N MET A 254 -5.61 10.17 11.59
CA MET A 254 -6.66 11.03 11.08
C MET A 254 -7.91 11.04 11.91
N ARG A 255 -8.20 9.90 12.58
CA ARG A 255 -9.37 9.81 13.42
C ARG A 255 -9.22 10.72 14.64
N ASN A 256 -8.01 10.77 15.22
CA ASN A 256 -7.65 11.58 16.38
C ASN A 256 -7.52 13.05 16.01
N VAL A 257 -6.97 13.35 14.81
CA VAL A 257 -6.87 14.73 14.26
C VAL A 257 -8.30 15.25 13.95
N ARG A 258 -9.16 14.38 13.36
CA ARG A 258 -10.54 14.73 13.05
C ARG A 258 -11.32 15.16 14.28
N ILE A 259 -11.24 14.36 15.37
CA ILE A 259 -11.95 14.63 16.61
C ILE A 259 -11.41 15.91 17.27
N ALA A 260 -10.07 16.09 17.28
CA ALA A 260 -9.38 17.28 17.81
C ALA A 260 -9.78 18.54 17.04
N SER A 261 -9.96 18.44 15.70
CA SER A 261 -10.39 19.57 14.85
C SER A 261 -11.84 20.06 15.13
N ARG A 262 -12.65 19.25 15.86
CA ARG A 262 -14.02 19.57 16.23
C ARG A 262 -14.08 20.36 17.54
N LEU A 263 -12.95 20.50 18.24
CA LEU A 263 -12.85 21.24 19.50
C LEU A 263 -12.97 22.74 19.28
N ASP A 264 -13.56 23.47 20.25
CA ASP A 264 -13.71 24.94 20.15
C ASP A 264 -12.34 25.64 20.02
N SER A 265 -11.32 25.11 20.72
CA SER A 265 -9.94 25.62 20.72
C SER A 265 -9.23 25.46 19.36
N TRP A 266 -9.81 24.69 18.42
CA TRP A 266 -9.20 24.45 17.10
C TRP A 266 -9.31 25.68 16.19
N PRO A 267 -8.23 26.04 15.45
CA PRO A 267 -8.29 27.23 14.56
C PRO A 267 -9.38 27.19 13.48
N GLN A 268 -9.84 28.39 13.10
CA GLN A 268 -10.87 28.61 12.08
C GLN A 268 -10.28 28.57 10.66
N GLY A 269 -11.12 28.16 9.71
CA GLY A 269 -10.75 28.05 8.30
C GLY A 269 -11.08 26.72 7.67
N CYS A 270 -10.46 26.46 6.50
CA CYS A 270 -10.68 25.26 5.70
C CYS A 270 -9.95 24.03 6.22
N SER A 271 -9.10 24.20 7.26
CA SER A 271 -8.34 23.15 7.92
C SER A 271 -9.25 21.98 8.33
N GLN A 272 -10.38 22.30 9.02
CA GLN A 272 -11.41 21.35 9.47
C GLN A 272 -12.03 20.55 8.32
N LYS A 273 -12.28 21.23 7.19
CA LYS A 273 -12.86 20.63 5.99
C LYS A 273 -11.82 19.78 5.23
N ALA A 274 -10.56 20.23 5.24
CA ALA A 274 -9.46 19.50 4.62
C ALA A 274 -9.27 18.18 5.38
N ILE A 275 -9.20 18.23 6.73
CA ILE A 275 -9.06 17.10 7.67
C ILE A 275 -10.22 16.09 7.51
N LYS A 276 -11.42 16.57 7.25
CA LYS A 276 -12.60 15.74 7.00
C LYS A 276 -12.33 14.87 5.75
N CYS A 277 -11.80 15.50 4.67
CA CYS A 277 -11.45 14.83 3.41
C CYS A 277 -10.34 13.82 3.57
N LEU A 278 -9.21 14.20 4.24
CA LEU A 278 -8.05 13.30 4.53
C LEU A 278 -8.51 12.08 5.36
N TYR A 279 -9.35 12.29 6.38
CA TYR A 279 -9.88 11.22 7.23
C TYR A 279 -10.71 10.20 6.41
N ILE A 280 -11.60 10.67 5.52
CA ILE A 280 -12.42 9.86 4.61
C ILE A 280 -11.53 8.99 3.73
N LEU A 281 -10.44 9.53 3.14
CA LEU A 281 -9.49 8.72 2.32
C LEU A 281 -8.90 7.50 3.04
N THR A 282 -8.60 7.65 4.35
CA THR A 282 -7.95 6.63 5.17
C THR A 282 -8.88 5.51 5.63
N ARG A 283 -10.19 5.77 5.77
CA ARG A 283 -11.12 4.77 6.26
C ARG A 283 -11.12 3.48 5.42
N PRO A 284 -11.41 3.47 4.08
CA PRO A 284 -11.36 2.19 3.34
C PRO A 284 -9.97 1.53 3.29
N LEU A 285 -8.91 2.30 3.55
CA LEU A 285 -7.53 1.79 3.61
C LEU A 285 -7.39 0.90 4.90
N ALA A 286 -7.95 1.37 6.02
CA ALA A 286 -7.97 0.58 7.24
C ALA A 286 -8.84 -0.67 7.04
N PHE A 287 -9.99 -0.52 6.36
CA PHE A 287 -10.94 -1.63 6.19
C PHE A 287 -10.50 -2.64 5.11
N LEU A 288 -9.41 -2.38 4.39
CA LEU A 288 -8.86 -3.30 3.40
C LEU A 288 -8.47 -4.61 4.10
N ASN A 289 -8.09 -4.51 5.41
CA ASN A 289 -7.78 -5.58 6.36
C ASN A 289 -8.73 -6.78 6.12
N SER A 290 -10.06 -6.55 6.16
CA SER A 290 -11.06 -7.61 6.01
C SER A 290 -11.00 -8.37 4.67
N ALA A 291 -10.37 -7.78 3.65
CA ALA A 291 -10.24 -8.40 2.31
C ALA A 291 -8.86 -9.00 2.12
N VAL A 292 -7.82 -8.42 2.74
CA VAL A 292 -6.46 -8.94 2.56
C VAL A 292 -6.02 -9.94 3.66
N ASN A 293 -6.58 -9.87 4.91
CA ASN A 293 -6.12 -10.75 5.99
C ASN A 293 -6.43 -12.28 5.77
N PRO A 294 -7.31 -12.76 4.84
CA PRO A 294 -7.39 -14.22 4.58
C PRO A 294 -6.07 -14.83 4.07
N ILE A 295 -5.06 -13.98 3.74
CA ILE A 295 -3.71 -14.37 3.32
C ILE A 295 -2.94 -15.10 4.46
N PHE A 296 -3.31 -14.84 5.72
CA PHE A 296 -2.63 -15.47 6.84
C PHE A 296 -2.84 -17.00 6.92
N TYR A 297 -3.92 -17.53 6.28
CA TYR A 297 -4.26 -18.97 6.18
C TYR A 297 -3.19 -19.78 5.41
N PHE A 298 -2.39 -19.07 4.57
CA PHE A 298 -1.37 -19.60 3.67
C PHE A 298 0.01 -19.33 4.18
N LEU A 299 0.12 -19.01 5.48
CA LEU A 299 1.40 -18.74 6.12
C LEU A 299 1.57 -19.54 7.41
N VAL A 300 0.80 -20.65 7.57
CA VAL A 300 0.90 -21.44 8.81
C VAL A 300 1.55 -22.84 8.61
N GLY A 301 2.21 -23.02 7.47
CA GLY A 301 2.98 -24.20 7.10
C GLY A 301 2.28 -25.49 6.77
N ASP A 302 0.95 -25.49 6.70
CA ASP A 302 0.14 -26.69 6.46
C ASP A 302 -0.10 -27.09 4.98
N HIS A 303 0.34 -26.27 3.99
CA HIS A 303 0.10 -26.49 2.56
C HIS A 303 -1.42 -26.45 2.23
N PHE A 304 -2.14 -25.51 2.87
CA PHE A 304 -3.59 -25.31 2.73
C PHE A 304 -4.03 -25.10 1.27
N ARG A 305 -3.22 -24.36 0.47
CA ARG A 305 -3.45 -24.05 -0.95
C ARG A 305 -3.47 -25.34 -1.74
N ASP A 306 -2.49 -26.23 -1.48
CA ASP A 306 -2.36 -27.54 -2.08
C ASP A 306 -3.52 -28.43 -1.70
N MET A 307 -4.01 -28.32 -0.45
CA MET A 307 -5.19 -29.03 0.05
C MET A 307 -6.45 -28.54 -0.66
N LEU A 308 -6.54 -27.22 -0.95
CA LEU A 308 -7.69 -26.61 -1.64
C LEU A 308 -7.83 -27.13 -3.06
N PHE A 309 -6.72 -27.15 -3.84
CA PHE A 309 -6.74 -27.64 -5.22
C PHE A 309 -7.04 -29.14 -5.29
N SER A 310 -6.43 -29.93 -4.39
CA SER A 310 -6.60 -31.39 -4.31
C SER A 310 -8.05 -31.76 -4.05
N LYS A 311 -8.70 -31.12 -3.05
CA LYS A 311 -10.11 -31.33 -2.68
C LYS A 311 -11.02 -30.92 -3.84
N LEU A 312 -10.70 -29.78 -4.51
CA LEU A 312 -11.42 -29.28 -5.68
C LEU A 312 -11.33 -30.29 -6.81
N ARG A 313 -10.13 -30.90 -7.02
CA ARG A 313 -9.89 -31.93 -8.04
C ARG A 313 -10.69 -33.20 -7.74
N GLN A 314 -10.82 -33.56 -6.44
CA GLN A 314 -11.58 -34.73 -5.98
C GLN A 314 -13.08 -34.59 -6.29
N TYR A 315 -13.62 -33.35 -6.25
CA TYR A 315 -15.01 -33.04 -6.59
C TYR A 315 -15.21 -33.07 -8.12
N PHE A 316 -14.15 -32.76 -8.90
CA PHE A 316 -14.17 -32.78 -10.36
C PHE A 316 -14.04 -34.22 -10.88
N LYS A 317 -13.17 -35.03 -10.23
CA LYS A 317 -12.92 -36.43 -10.58
C LYS A 317 -14.07 -37.37 -10.16
N SER A 318 -14.94 -36.92 -9.23
CA SER A 318 -16.10 -37.69 -8.76
C SER A 318 -17.21 -37.77 -9.82
N LEU A 319 -17.22 -36.82 -10.79
CA LEU A 319 -18.16 -36.75 -11.90
C LEU A 319 -17.95 -37.93 -12.87
N THR A 320 -16.70 -38.12 -13.34
CA THR A 320 -16.30 -39.17 -14.28
C THR A 320 -16.27 -40.56 -13.65
N SER A 321 -15.60 -40.68 -12.49
CA SER A 321 -15.46 -41.95 -11.77
C SER A 321 -16.73 -42.36 -11.03
N PHE A 322 -17.14 -43.63 -11.20
CA PHE A 322 -18.31 -44.21 -10.55
C PHE A 322 -17.85 -45.21 -9.49
N ARG A 323 -17.69 -44.73 -8.24
CA ARG A 323 -17.23 -45.57 -7.13
C ARG A 323 -18.30 -46.56 -6.66
N LEU A 324 -19.59 -46.23 -6.89
CA LEU A 324 -20.74 -47.07 -6.55
C LEU A 324 -20.78 -48.33 -7.41
N LEU A 325 -20.21 -48.25 -8.64
CA LEU A 325 -20.11 -49.35 -9.60
C LEU A 325 -18.75 -50.05 -9.52
N GLU A 326 -17.69 -49.31 -9.11
CA GLU A 326 -16.32 -49.82 -8.98
C GLU A 326 -16.20 -50.89 -7.89
N VAL A 327 -16.86 -50.67 -6.74
CA VAL A 327 -16.87 -51.60 -5.60
C VAL A 327 -17.73 -52.83 -5.95
N LEU A 328 -18.87 -52.62 -6.62
CA LEU A 328 -19.82 -53.66 -7.03
C LEU A 328 -19.26 -54.65 -8.05
N PHE A 329 -18.41 -54.17 -8.99
CA PHE A 329 -17.85 -55.03 -10.03
C PHE A 329 -16.40 -55.50 -9.75
N GLN A 330 -15.59 -54.67 -9.07
CA GLN A 330 -14.21 -55.02 -8.73
C GLN A 330 -13.98 -55.10 -7.22
N VAL B 10 3.83 -44.85 -1.28
CA VAL B 10 4.82 -45.43 -0.37
C VAL B 10 4.13 -46.26 0.74
N GLN B 11 4.68 -47.45 1.04
CA GLN B 11 4.21 -48.37 2.09
C GLN B 11 5.28 -48.43 3.22
N LEU B 12 4.90 -48.09 4.47
CA LEU B 12 5.82 -48.09 5.60
C LEU B 12 5.69 -49.33 6.46
N VAL B 13 6.82 -49.73 7.10
CA VAL B 13 6.90 -50.90 7.98
C VAL B 13 7.98 -50.65 9.06
N GLU B 14 7.60 -50.81 10.35
CA GLU B 14 8.49 -50.56 11.49
C GLU B 14 9.17 -51.85 11.98
N SER B 15 10.42 -51.74 12.44
CA SER B 15 11.24 -52.83 12.97
C SER B 15 11.85 -52.42 14.30
N GLY B 16 12.41 -53.40 15.01
CA GLY B 16 13.00 -53.20 16.33
C GLY B 16 11.90 -53.22 17.35
N GLY B 17 12.25 -53.02 18.62
CA GLY B 17 11.22 -52.99 19.66
C GLY B 17 10.88 -54.37 20.18
N GLY B 18 10.70 -54.43 21.48
CA GLY B 18 10.40 -55.64 22.22
C GLY B 18 10.52 -55.29 23.68
N LEU B 19 11.03 -56.22 24.48
CA LEU B 19 11.22 -56.01 25.91
C LEU B 19 12.61 -55.40 26.12
N VAL B 20 12.68 -54.39 26.98
CA VAL B 20 13.89 -53.69 27.37
C VAL B 20 13.74 -53.34 28.86
N GLN B 21 14.85 -53.40 29.63
CA GLN B 21 14.87 -53.08 31.05
C GLN B 21 14.99 -51.56 31.28
N PRO B 22 14.34 -50.99 32.34
CA PRO B 22 14.51 -49.54 32.60
C PRO B 22 16.01 -49.18 32.61
N GLY B 23 16.39 -48.25 31.74
CA GLY B 23 17.78 -47.84 31.58
C GLY B 23 18.35 -48.29 30.26
N GLY B 24 17.71 -49.30 29.68
CA GLY B 24 18.08 -49.91 28.40
C GLY B 24 17.87 -49.10 27.15
N SER B 25 18.23 -49.67 26.00
CA SER B 25 18.17 -49.05 24.67
C SER B 25 17.48 -49.93 23.64
N LEU B 26 16.88 -49.29 22.63
CA LEU B 26 16.26 -49.91 21.46
C LEU B 26 16.45 -48.98 20.28
N ARG B 27 16.67 -49.57 19.11
CA ARG B 27 16.80 -48.83 17.87
C ARG B 27 15.67 -49.28 16.96
N LEU B 28 14.73 -48.38 16.68
CA LEU B 28 13.61 -48.70 15.80
C LEU B 28 13.96 -48.32 14.37
N SER B 29 13.39 -49.04 13.41
CA SER B 29 13.64 -48.77 12.01
C SER B 29 12.32 -48.55 11.31
N CYS B 30 12.29 -47.60 10.35
CA CYS B 30 11.13 -47.27 9.53
C CYS B 30 11.61 -47.38 8.09
N GLU B 31 11.19 -48.45 7.41
CA GLU B 31 11.60 -48.71 6.02
C GLU B 31 10.44 -48.56 5.07
N ALA B 32 10.75 -48.17 3.83
CA ALA B 32 9.76 -48.07 2.77
C ALA B 32 10.20 -49.04 1.68
N SER B 33 10.01 -50.33 1.97
CA SER B 33 10.34 -51.57 1.24
C SER B 33 10.68 -51.43 -0.27
N GLY B 34 9.90 -50.65 -1.02
CA GLY B 34 10.10 -50.46 -2.45
C GLY B 34 10.78 -49.19 -2.92
N TYR B 35 10.82 -48.11 -2.09
CA TYR B 35 11.42 -46.84 -2.51
C TYR B 35 12.07 -45.98 -1.38
N THR B 36 12.81 -44.92 -1.80
CA THR B 36 13.52 -43.96 -0.95
C THR B 36 12.58 -43.00 -0.20
N LEU B 37 12.97 -42.65 1.05
CA LEU B 37 12.23 -41.69 1.88
C LEU B 37 12.84 -40.27 1.72
N ALA B 38 13.45 -40.00 0.53
CA ALA B 38 14.14 -38.77 0.17
C ALA B 38 13.29 -37.52 0.20
N ASN B 39 12.19 -37.52 -0.56
CA ASN B 39 11.26 -36.39 -0.70
C ASN B 39 10.23 -36.31 0.44
N TYR B 40 10.34 -37.19 1.45
CA TYR B 40 9.43 -37.26 2.59
C TYR B 40 10.00 -36.78 3.92
N ALA B 41 9.13 -36.32 4.81
CA ALA B 41 9.43 -35.96 6.19
C ALA B 41 8.95 -37.16 6.96
N ILE B 42 9.74 -37.64 7.94
CA ILE B 42 9.35 -38.83 8.69
C ILE B 42 9.09 -38.49 10.14
N GLY B 43 7.95 -38.95 10.65
CA GLY B 43 7.60 -38.75 12.04
C GLY B 43 7.41 -40.04 12.79
N TRP B 44 7.90 -40.06 14.02
CA TRP B 44 7.74 -41.15 14.97
C TRP B 44 6.69 -40.73 15.99
N PHE B 45 5.65 -41.56 16.12
CA PHE B 45 4.51 -41.36 17.01
C PHE B 45 4.34 -42.59 17.91
N ARG B 46 3.75 -42.42 19.08
CA ARG B 46 3.52 -43.54 19.98
C ARG B 46 2.16 -43.47 20.62
N GLN B 47 1.63 -44.64 20.98
CA GLN B 47 0.34 -44.71 21.64
C GLN B 47 0.33 -45.80 22.70
N ALA B 48 0.14 -45.38 23.97
CA ALA B 48 0.04 -46.25 25.12
C ALA B 48 -1.46 -46.65 25.27
N PRO B 49 -1.81 -47.82 25.89
CA PRO B 49 -3.24 -48.19 25.99
C PRO B 49 -4.11 -47.11 26.62
N GLY B 50 -5.23 -46.84 25.99
CA GLY B 50 -6.21 -45.83 26.40
C GLY B 50 -5.79 -44.37 26.31
N LYS B 51 -4.54 -44.10 25.95
CA LYS B 51 -3.99 -42.76 25.84
C LYS B 51 -4.00 -42.24 24.40
N GLU B 52 -3.93 -40.93 24.24
CA GLU B 52 -3.94 -40.26 22.95
C GLU B 52 -2.58 -40.45 22.27
N ARG B 53 -2.57 -40.60 20.91
CA ARG B 53 -1.39 -40.68 20.07
C ARG B 53 -0.54 -39.43 20.35
N GLU B 54 0.74 -39.65 20.58
CA GLU B 54 1.71 -38.64 20.99
C GLU B 54 2.90 -38.68 20.06
N GLY B 55 3.20 -37.53 19.45
CA GLY B 55 4.36 -37.35 18.58
C GLY B 55 5.59 -37.40 19.44
N VAL B 56 6.63 -38.04 18.95
CA VAL B 56 7.84 -38.20 19.73
C VAL B 56 9.05 -37.56 19.04
N SER B 57 9.14 -37.74 17.72
CA SER B 57 10.29 -37.24 16.96
C SER B 57 9.97 -37.14 15.48
N CYS B 58 10.61 -36.20 14.78
CA CYS B 58 10.36 -35.97 13.37
C CYS B 58 11.63 -35.51 12.68
N ILE B 59 11.80 -35.92 11.42
CA ILE B 59 12.93 -35.57 10.56
C ILE B 59 12.43 -35.01 9.20
N SER B 60 12.88 -33.80 8.82
CA SER B 60 12.48 -33.19 7.56
C SER B 60 13.33 -33.72 6.42
N SER B 61 12.86 -33.52 5.17
CA SER B 61 13.57 -33.86 3.93
C SER B 61 14.93 -33.16 3.90
N GLY B 62 15.04 -32.03 4.60
CA GLY B 62 16.25 -31.23 4.71
C GLY B 62 17.15 -31.66 5.86
N GLY B 63 16.77 -32.73 6.55
CA GLY B 63 17.55 -33.29 7.65
C GLY B 63 17.35 -32.67 9.02
N SER B 64 16.42 -31.68 9.16
CA SER B 64 16.09 -31.01 10.43
C SER B 64 15.41 -32.01 11.35
N THR B 65 15.74 -31.98 12.64
CA THR B 65 15.20 -32.90 13.65
C THR B 65 14.53 -32.17 14.81
N VAL B 66 13.34 -32.69 15.23
CA VAL B 66 12.55 -32.18 16.35
C VAL B 66 12.22 -33.30 17.30
N TYR B 67 12.14 -33.00 18.60
CA TYR B 67 11.88 -34.00 19.64
C TYR B 67 10.91 -33.42 20.66
N SER B 68 10.03 -34.27 21.20
CA SER B 68 9.08 -33.89 22.22
C SER B 68 9.83 -33.63 23.54
N GLU B 69 9.25 -32.85 24.44
CA GLU B 69 9.89 -32.54 25.71
C GLU B 69 10.12 -33.78 26.57
N SER B 70 9.30 -34.82 26.36
CA SER B 70 9.34 -36.09 27.08
C SER B 70 10.44 -37.07 26.63
N VAL B 71 11.06 -36.85 25.45
CA VAL B 71 12.06 -37.77 24.91
C VAL B 71 13.35 -37.06 24.50
N LYS B 72 13.39 -35.70 24.58
CA LYS B 72 14.58 -34.91 24.23
C LYS B 72 15.76 -35.31 25.12
N ASP B 73 16.98 -35.26 24.57
CA ASP B 73 18.21 -35.68 25.26
C ASP B 73 18.22 -37.18 25.66
N ARG B 74 17.42 -38.02 24.96
CA ARG B 74 17.29 -39.46 25.19
C ARG B 74 17.09 -40.22 23.86
N PHE B 75 16.38 -39.58 22.90
CA PHE B 75 16.10 -40.13 21.56
C PHE B 75 16.87 -39.38 20.45
N THR B 76 17.16 -40.07 19.35
CA THR B 76 17.86 -39.53 18.18
C THR B 76 17.21 -40.15 16.96
N ILE B 77 16.73 -39.30 16.08
CA ILE B 77 16.14 -39.72 14.82
C ILE B 77 17.22 -39.49 13.75
N SER B 78 17.32 -40.38 12.76
CA SER B 78 18.31 -40.22 11.69
C SER B 78 17.88 -40.93 10.43
N ARG B 79 18.55 -40.64 9.32
CA ARG B 79 18.37 -41.29 8.04
C ARG B 79 19.70 -42.01 7.78
N ASP B 80 19.67 -43.20 7.16
CA ASP B 80 20.91 -43.94 6.87
C ASP B 80 21.74 -43.23 5.78
N ASN B 81 22.92 -43.78 5.44
CA ASN B 81 23.83 -43.23 4.44
C ASN B 81 23.06 -42.90 3.15
N ALA B 82 22.51 -43.93 2.46
CA ALA B 82 21.73 -43.77 1.21
C ALA B 82 20.36 -43.11 1.40
N LYS B 83 19.91 -42.94 2.66
CA LYS B 83 18.63 -42.32 3.03
C LYS B 83 17.43 -43.11 2.45
N LYS B 84 17.29 -44.37 2.88
CA LYS B 84 16.26 -45.34 2.50
C LYS B 84 15.38 -45.69 3.72
N ILE B 85 16.01 -45.68 4.91
CA ILE B 85 15.46 -46.04 6.22
C ILE B 85 15.57 -44.83 7.16
N VAL B 86 14.66 -44.76 8.14
CA VAL B 86 14.69 -43.76 9.21
C VAL B 86 14.83 -44.54 10.53
N TYR B 87 15.82 -44.16 11.35
CA TYR B 87 16.08 -44.77 12.65
C TYR B 87 15.62 -43.90 13.79
N LEU B 88 15.20 -44.56 14.90
CA LEU B 88 14.88 -43.91 16.16
C LEU B 88 15.65 -44.62 17.29
N GLN B 89 16.82 -44.07 17.66
CA GLN B 89 17.61 -44.58 18.76
C GLN B 89 16.91 -44.09 20.04
N MET B 90 16.59 -45.01 20.95
CA MET B 90 15.89 -44.70 22.20
C MET B 90 16.78 -45.14 23.36
N ASN B 91 17.40 -44.17 24.06
CA ASN B 91 18.29 -44.44 25.17
C ASN B 91 17.63 -44.09 26.50
N SER B 92 18.09 -44.73 27.61
CA SER B 92 17.57 -44.53 28.99
C SER B 92 16.05 -44.67 29.06
N LEU B 93 15.52 -45.76 28.45
CA LEU B 93 14.10 -46.09 28.38
C LEU B 93 13.53 -46.36 29.76
N GLN B 94 12.36 -45.81 30.02
CA GLN B 94 11.64 -45.90 31.28
C GLN B 94 10.25 -46.52 31.07
N PRO B 95 9.57 -47.08 32.11
CA PRO B 95 8.25 -47.71 31.88
C PRO B 95 7.23 -46.87 31.14
N GLU B 96 7.34 -45.52 31.24
CA GLU B 96 6.46 -44.54 30.58
C GLU B 96 6.67 -44.47 29.06
N ASP B 97 7.70 -45.15 28.51
CA ASP B 97 7.96 -45.21 27.07
C ASP B 97 7.27 -46.43 26.44
N THR B 98 6.59 -47.27 27.27
CA THR B 98 5.84 -48.45 26.82
C THR B 98 4.67 -47.98 25.98
N ALA B 99 4.68 -48.34 24.68
CA ALA B 99 3.64 -47.92 23.73
C ALA B 99 3.84 -48.60 22.39
N VAL B 100 2.82 -48.56 21.51
CA VAL B 100 3.01 -49.05 20.14
C VAL B 100 3.61 -47.83 19.42
N TYR B 101 4.79 -48.00 18.79
CA TYR B 101 5.48 -46.94 18.06
C TYR B 101 5.20 -47.07 16.58
N TYR B 102 4.74 -45.97 15.95
CA TYR B 102 4.44 -45.90 14.53
C TYR B 102 5.28 -44.83 13.84
N CYS B 103 5.56 -45.02 12.56
CA CYS B 103 6.16 -43.98 11.73
C CYS B 103 5.14 -43.51 10.63
N ALA B 104 5.28 -42.26 10.21
CA ALA B 104 4.42 -41.67 9.22
C ALA B 104 5.27 -40.85 8.28
N ALA B 105 4.84 -40.74 7.01
CA ALA B 105 5.59 -40.05 6.00
C ALA B 105 4.79 -38.94 5.37
N ASP B 106 5.33 -37.72 5.38
CA ASP B 106 4.68 -36.56 4.80
C ASP B 106 5.34 -36.28 3.45
N PRO B 107 4.61 -36.33 2.30
CA PRO B 107 5.27 -36.04 1.02
C PRO B 107 5.75 -34.59 0.91
N PHE B 108 5.18 -33.67 1.73
CA PHE B 108 5.65 -32.28 1.81
C PHE B 108 6.69 -32.38 2.93
N GLY B 109 7.93 -32.61 2.50
CA GLY B 109 9.08 -32.82 3.37
C GLY B 109 9.44 -31.73 4.35
N GLU B 110 8.99 -30.50 4.11
CA GLU B 110 9.30 -29.39 5.01
C GLU B 110 8.09 -28.96 5.83
N ARG B 111 7.04 -29.80 5.85
CA ARG B 111 5.81 -29.49 6.56
C ARG B 111 5.67 -30.19 7.91
N LEU B 112 5.68 -31.53 7.94
CA LEU B 112 5.37 -32.35 9.13
C LEU B 112 5.98 -31.87 10.46
N CYS B 113 7.31 -31.68 10.49
CA CYS B 113 8.06 -31.36 11.70
C CYS B 113 7.83 -29.94 12.26
N ILE B 114 7.04 -29.08 11.55
CA ILE B 114 6.66 -27.75 12.06
C ILE B 114 5.65 -27.99 13.22
N ASP B 115 4.70 -28.91 13.01
CA ASP B 115 3.62 -29.19 13.94
C ASP B 115 3.24 -30.68 13.77
N PRO B 116 4.06 -31.63 14.31
CA PRO B 116 3.80 -33.07 14.07
C PRO B 116 2.45 -33.60 14.58
N ASN B 117 2.00 -33.15 15.76
CA ASN B 117 0.71 -33.60 16.32
C ASN B 117 -0.51 -33.09 15.55
N THR B 118 -0.40 -31.95 14.88
CA THR B 118 -1.53 -31.47 14.09
C THR B 118 -1.44 -32.05 12.68
N PHE B 119 -0.25 -31.94 12.05
CA PHE B 119 -0.04 -32.29 10.65
C PHE B 119 -0.11 -33.81 10.38
N ALA B 120 0.04 -34.66 11.43
CA ALA B 120 -0.11 -36.12 11.35
C ALA B 120 -1.52 -36.48 10.89
N GLY B 121 -2.49 -35.64 11.24
CA GLY B 121 -3.90 -35.78 10.86
C GLY B 121 -4.15 -35.64 9.37
N TYR B 122 -3.17 -35.07 8.62
CA TYR B 122 -3.24 -34.86 7.18
C TYR B 122 -2.65 -36.04 6.38
N LEU B 123 -1.88 -36.91 7.06
CA LEU B 123 -1.11 -38.01 6.49
C LEU B 123 -1.86 -39.29 6.32
N GLU B 124 -1.74 -39.87 5.14
CA GLU B 124 -2.35 -41.15 4.81
C GLU B 124 -1.37 -42.34 4.95
N THR B 125 -0.04 -42.10 4.76
CA THR B 125 0.96 -43.17 4.85
C THR B 125 1.49 -43.33 6.30
N TRP B 126 1.19 -44.49 6.89
CA TRP B 126 1.58 -44.94 8.23
C TRP B 126 2.03 -46.38 8.14
N GLY B 127 2.80 -46.80 9.14
CA GLY B 127 3.22 -48.18 9.29
C GLY B 127 2.24 -48.90 10.20
N GLN B 128 2.38 -50.23 10.32
CA GLN B 128 1.51 -51.07 11.16
C GLN B 128 1.71 -50.88 12.69
N GLY B 129 2.87 -50.33 13.06
CA GLY B 129 3.26 -50.09 14.44
C GLY B 129 4.13 -51.22 14.99
N THR B 130 5.00 -50.90 15.97
CA THR B 130 5.88 -51.87 16.63
C THR B 130 5.82 -51.67 18.16
N GLN B 131 5.51 -52.76 18.90
CA GLN B 131 5.41 -52.74 20.37
C GLN B 131 6.78 -52.57 21.03
N VAL B 132 6.87 -51.63 21.96
CA VAL B 132 8.04 -51.34 22.78
C VAL B 132 7.55 -51.49 24.24
N THR B 133 8.20 -52.39 25.01
CA THR B 133 7.82 -52.66 26.40
C THR B 133 9.00 -52.48 27.35
N VAL B 134 8.91 -51.51 28.27
CA VAL B 134 9.97 -51.24 29.23
C VAL B 134 9.52 -51.77 30.59
N SER B 135 10.13 -52.87 31.04
CA SER B 135 9.82 -53.52 32.30
C SER B 135 11.03 -54.26 32.83
N SER B 136 11.12 -54.41 34.16
CA SER B 136 12.19 -55.15 34.84
C SER B 136 11.61 -56.37 35.51
N LEU B 137 12.46 -57.39 35.72
CA LEU B 137 12.10 -58.61 36.40
C LEU B 137 11.81 -58.32 37.87
N GLU B 138 12.44 -57.26 38.41
CA GLU B 138 12.24 -56.73 39.76
C GLU B 138 10.76 -56.32 39.93
N VAL B 139 10.15 -55.61 38.95
CA VAL B 139 8.72 -55.24 39.01
C VAL B 139 7.83 -56.52 38.86
N LEU B 140 8.13 -57.36 37.86
CA LEU B 140 7.42 -58.60 37.56
C LEU B 140 7.28 -59.56 38.74
N PHE B 141 8.32 -59.64 39.59
CA PHE B 141 8.32 -60.57 40.71
C PHE B 141 8.02 -59.94 42.08
N GLN B 142 7.74 -58.61 42.15
CA GLN B 142 7.40 -57.85 43.36
C GLN B 142 6.17 -58.39 44.08
N CYS C 14 36.93 -13.71 -14.14
CA CYS C 14 36.57 -12.55 -14.96
C CYS C 14 37.29 -11.29 -14.46
N GLU C 15 38.63 -11.32 -14.45
CA GLU C 15 39.51 -10.25 -13.99
C GLU C 15 39.19 -8.88 -14.61
N ASN C 16 38.96 -8.86 -15.94
CA ASN C 16 38.68 -7.66 -16.74
C ASN C 16 37.39 -6.94 -16.35
N TRP C 17 36.28 -7.70 -16.20
CA TRP C 17 34.98 -7.16 -15.82
C TRP C 17 34.87 -6.86 -14.32
N LEU C 18 35.83 -7.35 -13.52
CA LEU C 18 35.93 -7.11 -12.09
C LEU C 18 36.54 -5.72 -11.88
N ALA C 19 37.65 -5.42 -12.58
CA ALA C 19 38.37 -4.14 -12.53
C ALA C 19 37.44 -2.97 -12.91
N LEU C 20 36.72 -3.08 -14.06
CA LEU C 20 35.77 -2.07 -14.56
C LEU C 20 34.81 -1.64 -13.44
N GLU C 21 34.18 -2.62 -12.76
CA GLU C 21 33.21 -2.45 -11.66
C GLU C 21 33.76 -1.56 -10.54
N ASN C 22 34.99 -1.83 -10.07
CA ASN C 22 35.66 -1.05 -9.02
C ASN C 22 35.90 0.39 -9.49
N ILE C 23 36.30 0.59 -10.78
CA ILE C 23 36.51 1.92 -11.38
C ILE C 23 35.16 2.68 -11.46
N LEU C 24 34.08 1.97 -11.89
CA LEU C 24 32.73 2.54 -12.01
C LEU C 24 32.16 2.99 -10.65
N LYS C 25 32.43 2.24 -9.57
CA LYS C 25 31.96 2.58 -8.24
C LYS C 25 32.77 3.75 -7.64
N LYS C 26 34.10 3.62 -7.60
CA LYS C 26 35.07 4.57 -7.05
C LYS C 26 35.03 5.98 -7.68
N TYR C 27 35.13 6.09 -9.02
CA TYR C 27 35.19 7.40 -9.68
C TYR C 27 33.97 7.78 -10.52
N TYR C 28 33.37 6.83 -11.29
CA TYR C 28 32.23 7.14 -12.15
C TYR C 28 30.96 7.50 -11.34
N LEU C 29 30.46 6.58 -10.49
CA LEU C 29 29.27 6.78 -9.66
C LEU C 29 29.46 7.94 -8.70
N SER C 30 30.62 8.03 -8.03
CA SER C 30 30.92 9.10 -7.06
C SER C 30 30.85 10.50 -7.71
N ALA C 31 31.46 10.70 -8.91
CA ALA C 31 31.41 11.99 -9.63
C ALA C 31 30.02 12.26 -10.19
N PHE C 32 29.41 11.27 -10.89
CA PHE C 32 28.07 11.43 -11.43
C PHE C 32 27.07 11.83 -10.31
N TYR C 33 27.06 11.10 -9.18
CA TYR C 33 26.20 11.41 -8.03
C TYR C 33 26.56 12.73 -7.37
N GLY C 34 27.84 13.11 -7.46
CA GLY C 34 28.37 14.36 -6.95
C GLY C 34 27.75 15.56 -7.64
N ILE C 35 27.79 15.57 -8.99
CA ILE C 35 27.22 16.60 -9.87
C ILE C 35 25.69 16.68 -9.66
N GLU C 36 25.05 15.50 -9.60
CA GLU C 36 23.62 15.34 -9.36
C GLU C 36 23.23 15.95 -8.01
N PHE C 37 24.07 15.73 -6.95
CA PHE C 37 23.86 16.28 -5.61
C PHE C 37 23.84 17.81 -5.61
N ILE C 38 24.86 18.44 -6.22
CA ILE C 38 25.03 19.89 -6.31
C ILE C 38 23.93 20.57 -7.16
N VAL C 39 23.76 20.15 -8.45
CA VAL C 39 22.77 20.71 -9.39
C VAL C 39 21.36 20.56 -8.87
N GLY C 40 21.05 19.40 -8.29
CA GLY C 40 19.73 19.10 -7.74
C GLY C 40 19.40 19.85 -6.47
N MET C 41 20.40 20.07 -5.61
CA MET C 41 20.24 20.79 -4.34
C MET C 41 20.15 22.28 -4.60
N LEU C 42 21.00 22.81 -5.50
CA LEU C 42 20.93 24.23 -5.86
C LEU C 42 19.62 24.51 -6.63
N GLY C 43 19.25 23.58 -7.52
CA GLY C 43 18.04 23.68 -8.34
C GLY C 43 16.76 23.58 -7.56
N ASN C 44 16.61 22.54 -6.73
CA ASN C 44 15.40 22.34 -5.93
C ASN C 44 15.24 23.33 -4.80
N PHE C 45 16.34 23.86 -4.22
CA PHE C 45 16.19 24.85 -3.17
C PHE C 45 15.73 26.21 -3.70
N THR C 46 16.10 26.54 -4.96
CA THR C 46 15.70 27.78 -5.64
C THR C 46 14.20 27.79 -5.92
N VAL C 47 13.69 26.70 -6.52
CA VAL C 47 12.28 26.54 -6.89
C VAL C 47 11.37 26.47 -5.65
N VAL C 48 11.81 25.76 -4.57
CA VAL C 48 11.07 25.65 -3.31
C VAL C 48 10.91 27.01 -2.67
N PHE C 49 12.03 27.77 -2.52
CA PHE C 49 12.03 29.12 -1.94
C PHE C 49 11.24 30.10 -2.78
N GLY C 50 11.27 29.92 -4.10
CA GLY C 50 10.48 30.72 -5.05
C GLY C 50 9.00 30.58 -4.77
N TYR C 51 8.53 29.34 -4.62
CA TYR C 51 7.14 29.03 -4.30
C TYR C 51 6.74 29.38 -2.86
N LEU C 52 7.70 29.34 -1.92
CA LEU C 52 7.42 29.67 -0.52
C LEU C 52 7.42 31.17 -0.25
N PHE C 53 8.25 31.95 -0.99
CA PHE C 53 8.39 33.40 -0.80
C PHE C 53 7.65 34.27 -1.83
N CYS C 54 7.52 33.81 -3.09
CA CYS C 54 6.81 34.57 -4.14
C CYS C 54 5.36 34.10 -4.29
N MET C 55 5.17 32.80 -4.62
CA MET C 55 3.86 32.17 -4.85
C MET C 55 2.96 32.12 -3.61
N LYS C 56 1.79 32.78 -3.71
CA LYS C 56 0.81 32.83 -2.63
C LYS C 56 -0.47 32.05 -2.95
N ASN C 57 -0.96 32.11 -4.21
CA ASN C 57 -2.18 31.41 -4.61
C ASN C 57 -1.86 30.27 -5.55
N TRP C 58 -1.72 29.07 -5.00
CA TRP C 58 -1.32 27.89 -5.78
C TRP C 58 -2.46 27.24 -6.53
N ASN C 59 -2.16 26.72 -7.72
CA ASN C 59 -3.07 25.95 -8.54
C ASN C 59 -2.60 24.47 -8.46
N SER C 60 -3.23 23.57 -9.21
CA SER C 60 -2.93 22.14 -9.24
C SER C 60 -1.49 21.80 -9.67
N SER C 61 -0.99 22.46 -10.74
CA SER C 61 0.36 22.29 -11.23
C SER C 61 1.38 22.68 -10.15
N ASN C 62 1.14 23.79 -9.43
CA ASN C 62 1.96 24.26 -8.30
C ASN C 62 2.08 23.18 -7.20
N VAL C 63 0.93 22.56 -6.81
CA VAL C 63 0.88 21.52 -5.78
C VAL C 63 1.78 20.32 -6.19
N TYR C 64 1.62 19.83 -7.43
CA TYR C 64 2.39 18.71 -7.95
C TYR C 64 3.89 19.01 -8.10
N LEU C 65 4.23 20.20 -8.62
CA LEU C 65 5.62 20.63 -8.79
C LEU C 65 6.34 20.71 -7.44
N PHE C 66 5.69 21.33 -6.42
CA PHE C 66 6.25 21.41 -5.07
C PHE C 66 6.53 20.01 -4.47
N ASN C 67 5.58 19.06 -4.67
CA ASN C 67 5.65 17.67 -4.23
C ASN C 67 6.85 16.98 -4.90
N LEU C 68 7.06 17.31 -6.20
CA LEU C 68 8.16 16.82 -7.02
C LEU C 68 9.51 17.22 -6.38
N SER C 69 9.63 18.46 -5.87
CA SER C 69 10.83 18.95 -5.19
C SER C 69 11.02 18.24 -3.84
N ILE C 70 9.93 17.98 -3.06
CA ILE C 70 10.01 17.26 -1.78
C ILE C 70 10.59 15.85 -1.99
N SER C 71 10.08 15.14 -3.00
CA SER C 71 10.53 13.81 -3.41
C SER C 71 12.04 13.87 -3.80
N ASP C 72 12.40 14.86 -4.67
CA ASP C 72 13.77 15.08 -5.12
C ASP C 72 14.70 15.34 -3.96
N LEU C 73 14.30 16.24 -3.03
CA LEU C 73 15.14 16.60 -1.89
C LEU C 73 15.38 15.42 -0.94
N ALA C 74 14.31 14.64 -0.63
CA ALA C 74 14.38 13.44 0.20
C ALA C 74 15.46 12.48 -0.39
N PHE C 75 15.49 12.32 -1.73
CA PHE C 75 16.50 11.49 -2.40
C PHE C 75 17.91 12.12 -2.40
N LEU C 76 18.06 13.39 -2.85
CA LEU C 76 19.34 14.10 -2.94
C LEU C 76 20.14 14.12 -1.62
N CYS C 77 19.45 14.13 -0.47
CA CYS C 77 20.06 14.12 0.87
C CYS C 77 20.85 12.86 1.17
N THR C 78 20.47 11.73 0.55
CA THR C 78 21.15 10.44 0.71
C THR C 78 22.41 10.33 -0.13
N LEU C 79 22.50 11.09 -1.24
CA LEU C 79 23.65 11.06 -2.16
C LEU C 79 25.00 11.22 -1.44
N PRO C 80 25.23 12.18 -0.48
CA PRO C 80 26.53 12.22 0.21
C PRO C 80 26.95 10.88 0.85
N MET C 81 25.99 10.11 1.43
CA MET C 81 26.23 8.78 2.02
C MET C 81 26.64 7.79 0.92
N LEU C 82 25.92 7.78 -0.22
CA LEU C 82 26.17 6.93 -1.38
C LEU C 82 27.57 7.22 -1.95
N ILE C 83 27.93 8.52 -2.04
CA ILE C 83 29.23 8.97 -2.52
C ILE C 83 30.34 8.45 -1.60
N ARG C 84 30.22 8.66 -0.26
CA ARG C 84 31.20 8.20 0.74
C ARG C 84 31.36 6.68 0.71
N SER C 85 30.24 5.94 0.70
CA SER C 85 30.18 4.47 0.65
C SER C 85 30.88 3.90 -0.60
N TYR C 86 30.63 4.48 -1.78
CA TYR C 86 31.24 4.00 -3.04
C TYR C 86 32.72 4.37 -3.15
N ALA C 87 33.10 5.56 -2.65
CA ALA C 87 34.48 6.03 -2.68
C ALA C 87 35.39 5.25 -1.70
N THR C 88 34.81 4.71 -0.61
CA THR C 88 35.55 3.95 0.42
C THR C 88 35.35 2.42 0.31
N GLY C 89 34.28 2.00 -0.37
CA GLY C 89 33.93 0.59 -0.53
C GLY C 89 33.42 -0.03 0.75
N ASN C 90 32.79 0.79 1.62
CA ASN C 90 32.25 0.37 2.91
C ASN C 90 31.08 1.23 3.36
N TRP C 91 30.02 0.58 3.88
CA TRP C 91 28.83 1.20 4.43
C TRP C 91 29.03 1.32 5.93
N THR C 92 28.73 2.50 6.51
CA THR C 92 28.97 2.74 7.95
C THR C 92 27.77 3.29 8.72
N TYR C 93 26.61 3.36 8.04
CA TYR C 93 25.38 3.98 8.56
C TYR C 93 24.30 2.97 9.04
N GLY C 94 24.63 1.68 9.04
CA GLY C 94 23.74 0.61 9.51
C GLY C 94 22.54 0.27 8.65
N ASP C 95 21.70 -0.64 9.18
CA ASP C 95 20.50 -1.20 8.56
C ASP C 95 19.37 -0.22 8.28
N VAL C 96 19.03 0.66 9.25
CA VAL C 96 17.89 1.58 9.14
C VAL C 96 18.15 2.64 8.07
N LEU C 97 19.39 3.21 8.04
CA LEU C 97 19.76 4.19 7.02
C LEU C 97 19.86 3.55 5.65
N CYS C 98 20.22 2.26 5.58
CA CYS C 98 20.30 1.52 4.31
C CYS C 98 18.91 1.30 3.67
N ILE C 99 17.89 0.98 4.52
CA ILE C 99 16.52 0.74 4.08
C ILE C 99 15.80 2.07 3.75
N SER C 100 15.93 3.10 4.63
CA SER C 100 15.30 4.41 4.39
C SER C 100 15.84 5.09 3.12
N ASN C 101 17.13 4.86 2.79
CA ASN C 101 17.78 5.39 1.58
C ASN C 101 17.18 4.73 0.34
N ARG C 102 16.99 3.38 0.42
CA ARG C 102 16.40 2.55 -0.63
C ARG C 102 14.94 2.95 -0.88
N TYR C 103 14.16 3.24 0.19
CA TYR C 103 12.78 3.68 0.05
C TYR C 103 12.71 5.01 -0.70
N VAL C 104 13.44 6.02 -0.19
CA VAL C 104 13.54 7.40 -0.66
C VAL C 104 14.06 7.48 -2.12
N LEU C 105 14.88 6.49 -2.55
CA LEU C 105 15.40 6.38 -3.91
C LEU C 105 14.24 6.00 -4.86
N HIS C 106 13.64 4.82 -4.65
CA HIS C 106 12.58 4.28 -5.47
C HIS C 106 11.30 5.09 -5.39
N ALA C 107 11.03 5.73 -4.22
CA ALA C 107 9.88 6.62 -4.04
C ALA C 107 10.05 7.84 -4.95
N ASN C 108 11.27 8.43 -4.99
CA ASN C 108 11.55 9.55 -5.89
C ASN C 108 11.30 9.19 -7.36
N LEU C 109 11.83 8.06 -7.80
CA LEU C 109 11.66 7.53 -9.15
C LEU C 109 10.18 7.46 -9.55
N TYR C 110 9.36 6.76 -8.74
CA TYR C 110 7.98 6.46 -9.04
C TYR C 110 6.99 7.55 -8.66
N THR C 111 7.33 8.49 -7.75
CA THR C 111 6.43 9.62 -7.46
C THR C 111 6.65 10.68 -8.53
N SER C 112 7.93 10.90 -8.94
CA SER C 112 8.32 11.86 -9.97
C SER C 112 7.52 11.66 -11.25
N ILE C 113 7.49 10.41 -11.74
CA ILE C 113 6.79 10.12 -12.99
C ILE C 113 5.26 10.29 -12.81
N LEU C 114 4.71 10.01 -11.60
CA LEU C 114 3.28 10.14 -11.35
C LEU C 114 2.87 11.61 -11.22
N PHE C 115 3.69 12.42 -10.53
CA PHE C 115 3.44 13.86 -10.43
C PHE C 115 3.45 14.45 -11.81
N LEU C 116 4.36 13.99 -12.69
CA LEU C 116 4.38 14.52 -14.04
C LEU C 116 3.21 14.02 -14.89
N THR C 117 2.63 12.83 -14.57
CA THR C 117 1.45 12.30 -15.24
C THR C 117 0.25 13.19 -14.89
N PHE C 118 0.11 13.54 -13.60
CA PHE C 118 -0.98 14.39 -13.13
C PHE C 118 -0.81 15.82 -13.61
N ILE C 119 0.45 16.35 -13.68
CA ILE C 119 0.70 17.68 -14.25
C ILE C 119 0.18 17.72 -15.71
N SER C 120 0.48 16.70 -16.53
CA SER C 120 0.02 16.60 -17.93
C SER C 120 -1.51 16.57 -18.01
N ILE C 121 -2.18 15.86 -17.06
CA ILE C 121 -3.65 15.82 -17.03
C ILE C 121 -4.16 17.24 -16.70
N ASP C 122 -3.57 17.91 -15.69
CA ASP C 122 -3.89 19.28 -15.34
C ASP C 122 -3.73 20.21 -16.55
N ARG C 123 -2.64 20.05 -17.34
CA ARG C 123 -2.41 20.90 -18.53
C ARG C 123 -3.44 20.63 -19.65
N TYR C 124 -3.86 19.36 -19.84
CA TYR C 124 -4.87 19.06 -20.86
C TYR C 124 -6.21 19.69 -20.48
N LEU C 125 -6.60 19.59 -19.20
CA LEU C 125 -7.87 20.13 -18.74
C LEU C 125 -7.90 21.66 -18.79
N LEU C 126 -6.78 22.32 -18.46
CA LEU C 126 -6.63 23.77 -18.49
C LEU C 126 -6.73 24.31 -19.90
N MET C 127 -6.20 23.56 -20.87
CA MET C 127 -6.28 23.89 -22.31
C MET C 127 -7.76 23.95 -22.75
N LYS C 128 -8.58 23.01 -22.27
CA LYS C 128 -10.00 22.92 -22.58
C LYS C 128 -10.84 23.87 -21.72
N PHE C 129 -10.53 23.94 -20.42
CA PHE C 129 -11.28 24.71 -19.43
C PHE C 129 -10.33 25.64 -18.64
N PRO C 130 -9.94 26.81 -19.24
CA PRO C 130 -8.93 27.68 -18.60
C PRO C 130 -9.31 28.30 -17.27
N PHE C 131 -10.61 28.33 -16.95
CA PHE C 131 -11.10 28.97 -15.75
C PHE C 131 -11.16 28.04 -14.51
N ARG C 132 -10.70 26.78 -14.64
CA ARG C 132 -10.64 25.77 -13.57
C ARG C 132 -11.96 25.58 -12.83
N GLU C 133 -13.09 25.55 -13.56
CA GLU C 133 -14.42 25.45 -12.95
C GLU C 133 -14.75 24.05 -12.42
N HIS C 134 -14.20 22.98 -13.02
CA HIS C 134 -14.50 21.62 -12.58
C HIS C 134 -13.72 21.30 -11.29
N ILE C 135 -14.35 20.56 -10.36
CA ILE C 135 -13.77 20.17 -9.06
C ILE C 135 -12.38 19.50 -9.21
N LEU C 136 -12.18 18.69 -10.28
CA LEU C 136 -10.93 17.97 -10.59
C LEU C 136 -9.79 18.93 -10.94
N GLN C 137 -10.10 20.20 -11.22
CA GLN C 137 -9.16 21.27 -11.58
C GLN C 137 -8.75 22.16 -10.40
N LYS C 138 -9.34 21.91 -9.21
CA LYS C 138 -9.08 22.67 -7.97
C LYS C 138 -7.83 22.20 -7.26
N LYS C 139 -7.15 23.15 -6.58
CA LYS C 139 -5.92 22.94 -5.78
C LYS C 139 -6.15 21.84 -4.70
N GLU C 140 -7.37 21.84 -4.11
CA GLU C 140 -7.83 20.89 -3.07
C GLU C 140 -7.82 19.47 -3.58
N PHE C 141 -8.26 19.23 -4.84
CA PHE C 141 -8.23 17.88 -5.45
C PHE C 141 -6.78 17.42 -5.70
N ALA C 142 -5.90 18.36 -6.12
CA ALA C 142 -4.49 18.05 -6.36
C ALA C 142 -3.77 17.59 -5.07
N ILE C 143 -4.12 18.20 -3.93
CA ILE C 143 -3.56 17.87 -2.60
C ILE C 143 -3.91 16.41 -2.27
N LEU C 144 -5.17 16.00 -2.50
CA LEU C 144 -5.63 14.62 -2.26
C LEU C 144 -5.01 13.63 -3.20
N ILE C 145 -4.74 14.04 -4.44
CA ILE C 145 -4.07 13.22 -5.45
C ILE C 145 -2.60 13.03 -5.05
N SER C 146 -1.94 14.11 -4.59
CA SER C 146 -0.56 14.08 -4.17
C SER C 146 -0.36 13.11 -3.02
N LEU C 147 -1.29 13.13 -2.04
CA LEU C 147 -1.28 12.20 -0.90
C LEU C 147 -1.44 10.75 -1.38
N ALA C 148 -2.36 10.52 -2.32
CA ALA C 148 -2.63 9.24 -2.93
C ALA C 148 -1.41 8.71 -3.73
N VAL C 149 -0.60 9.62 -4.30
CA VAL C 149 0.62 9.27 -5.03
C VAL C 149 1.66 8.73 -4.02
N TRP C 150 1.84 9.41 -2.86
CA TRP C 150 2.76 8.96 -1.81
C TRP C 150 2.32 7.60 -1.21
N VAL C 151 1.00 7.40 -0.97
CA VAL C 151 0.47 6.14 -0.45
C VAL C 151 0.68 4.99 -1.44
N LEU C 152 0.21 5.14 -2.70
CA LEU C 152 0.36 4.11 -3.73
C LEU C 152 1.83 3.74 -3.96
N VAL C 153 2.73 4.73 -4.10
CA VAL C 153 4.16 4.47 -4.31
C VAL C 153 4.75 3.75 -3.09
N THR C 154 4.38 4.14 -1.84
CA THR C 154 4.87 3.46 -0.62
C THR C 154 4.48 1.99 -0.63
N LEU C 155 3.22 1.67 -0.96
CA LEU C 155 2.72 0.29 -1.09
C LEU C 155 3.48 -0.46 -2.23
N GLU C 156 3.85 0.27 -3.30
CA GLU C 156 4.59 -0.30 -4.43
C GLU C 156 6.06 -0.62 -4.06
N VAL C 157 6.66 0.15 -3.14
CA VAL C 157 8.07 0.07 -2.74
C VAL C 157 8.23 -0.79 -1.49
N LEU C 158 7.14 -0.95 -0.69
CA LEU C 158 7.22 -1.80 0.51
C LEU C 158 7.86 -3.20 0.32
N PRO C 159 7.51 -4.05 -0.71
CA PRO C 159 8.14 -5.40 -0.77
C PRO C 159 9.67 -5.42 -0.78
N MET C 160 10.34 -4.38 -1.31
CA MET C 160 11.82 -4.31 -1.34
C MET C 160 12.43 -3.77 -0.03
N LEU C 161 11.61 -3.43 0.97
CA LEU C 161 12.06 -2.90 2.27
C LEU C 161 11.80 -3.88 3.39
N THR C 162 10.91 -4.85 3.14
CA THR C 162 10.44 -5.79 4.15
C THR C 162 10.76 -7.25 3.82
N PHE C 163 10.59 -7.67 2.55
CA PHE C 163 10.81 -9.07 2.18
C PHE C 163 11.92 -9.31 1.15
N ILE C 164 12.38 -8.28 0.42
CA ILE C 164 13.48 -8.41 -0.55
C ILE C 164 14.63 -7.46 -0.11
N THR C 165 15.35 -7.87 0.95
CA THR C 165 16.44 -7.09 1.58
C THR C 165 17.74 -7.89 1.80
N SER C 166 17.64 -9.24 1.95
CA SER C 166 18.74 -10.17 2.23
C SER C 166 20.00 -9.99 1.35
N THR C 167 21.18 -10.27 1.94
CA THR C 167 22.50 -10.19 1.29
C THR C 167 22.69 -11.32 0.29
N ASP C 173 26.52 -4.01 7.67
CA ASP C 173 27.93 -3.95 7.26
C ASP C 173 28.10 -3.53 5.79
N SER C 174 27.03 -3.67 4.99
CA SER C 174 27.01 -3.32 3.57
C SER C 174 25.59 -2.96 3.09
N CYS C 175 25.49 -1.96 2.20
CA CYS C 175 24.22 -1.56 1.60
C CYS C 175 24.26 -1.95 0.13
N VAL C 176 23.54 -3.02 -0.20
CA VAL C 176 23.48 -3.60 -1.54
C VAL C 176 22.27 -3.04 -2.30
N ASP C 177 22.44 -2.80 -3.62
CA ASP C 177 21.37 -2.29 -4.47
C ASP C 177 20.26 -3.36 -4.51
N TYR C 178 18.95 -2.93 -4.51
CA TYR C 178 17.78 -3.80 -4.55
C TYR C 178 17.94 -4.99 -5.52
N ALA C 179 18.44 -4.75 -6.75
CA ALA C 179 18.63 -5.77 -7.76
C ALA C 179 19.61 -6.91 -7.35
N SER C 180 20.42 -6.70 -6.30
CA SER C 180 21.34 -7.73 -5.79
C SER C 180 20.94 -8.23 -4.39
N SER C 181 19.63 -8.08 -4.06
CA SER C 181 18.96 -8.47 -2.80
C SER C 181 17.93 -9.60 -2.99
N GLY C 182 17.65 -10.32 -1.91
CA GLY C 182 16.64 -11.39 -1.82
C GLY C 182 16.73 -12.53 -2.83
N ASN C 183 15.65 -13.32 -2.92
CA ASN C 183 15.52 -14.45 -3.84
C ASN C 183 15.25 -13.89 -5.24
N PRO C 184 16.13 -14.16 -6.24
CA PRO C 184 15.91 -13.58 -7.58
C PRO C 184 14.61 -13.98 -8.30
N LYS C 185 14.08 -15.20 -8.06
CA LYS C 185 12.86 -15.72 -8.69
C LYS C 185 11.64 -14.87 -8.37
N TYR C 186 11.50 -14.44 -7.11
CA TYR C 186 10.39 -13.62 -6.68
C TYR C 186 10.68 -12.14 -6.93
N SER C 187 11.96 -11.76 -6.79
CA SER C 187 12.39 -10.38 -7.01
C SER C 187 12.25 -9.98 -8.48
N LEU C 188 12.43 -10.95 -9.42
CA LEU C 188 12.26 -10.73 -10.85
C LEU C 188 10.79 -10.41 -11.15
N ILE C 189 9.84 -11.24 -10.67
CA ILE C 189 8.40 -11.02 -10.81
C ILE C 189 7.99 -9.65 -10.24
N TYR C 190 8.45 -9.31 -9.02
CA TYR C 190 8.19 -8.01 -8.40
C TYR C 190 8.76 -6.84 -9.21
N SER C 191 10.02 -6.95 -9.72
CA SER C 191 10.66 -5.90 -10.51
C SER C 191 9.92 -5.64 -11.83
N LEU C 192 9.44 -6.72 -12.48
CA LEU C 192 8.64 -6.75 -13.70
C LEU C 192 7.32 -6.00 -13.47
N CYS C 193 6.60 -6.32 -12.35
CA CYS C 193 5.34 -5.65 -11.95
C CYS C 193 5.58 -4.18 -11.62
N LEU C 194 6.70 -3.89 -10.92
CA LEU C 194 7.09 -2.53 -10.58
C LEU C 194 7.46 -1.71 -11.85
N THR C 195 8.01 -2.37 -12.90
CA THR C 195 8.34 -1.70 -14.16
C THR C 195 7.03 -1.35 -14.88
N LEU C 196 6.07 -2.30 -14.91
CA LEU C 196 4.76 -2.10 -15.55
C LEU C 196 3.92 -1.01 -14.87
N LEU C 197 3.64 -1.14 -13.56
CA LEU C 197 2.81 -0.16 -12.83
C LEU C 197 3.51 1.15 -12.55
N GLY C 198 4.77 1.08 -12.13
CA GLY C 198 5.53 2.26 -11.77
C GLY C 198 6.00 3.12 -12.92
N PHE C 199 6.38 2.51 -14.03
CA PHE C 199 6.95 3.22 -15.17
C PHE C 199 6.12 3.15 -16.47
N LEU C 200 5.85 1.94 -16.99
CA LEU C 200 5.19 1.83 -18.29
C LEU C 200 3.75 2.31 -18.31
N ILE C 201 2.97 2.12 -17.24
CA ILE C 201 1.60 2.62 -17.21
C ILE C 201 1.60 4.19 -17.13
N PRO C 202 2.28 4.89 -16.15
CA PRO C 202 2.30 6.37 -16.18
C PRO C 202 2.83 6.93 -17.51
N LEU C 203 3.91 6.33 -18.07
CA LEU C 203 4.47 6.78 -19.35
C LEU C 203 3.45 6.70 -20.48
N SER C 204 2.69 5.59 -20.54
CA SER C 204 1.62 5.42 -21.54
C SER C 204 0.47 6.39 -21.29
N VAL C 205 0.17 6.75 -20.00
CA VAL C 205 -0.87 7.75 -19.70
C VAL C 205 -0.47 9.13 -20.27
N MET C 206 0.81 9.53 -20.12
CA MET C 206 1.32 10.81 -20.62
C MET C 206 1.25 10.84 -22.13
N CYS C 207 1.65 9.72 -22.77
CA CYS C 207 1.61 9.51 -24.22
C CYS C 207 0.19 9.67 -24.78
N PHE C 208 -0.79 9.11 -24.05
CA PHE C 208 -2.21 9.20 -24.35
C PHE C 208 -2.72 10.67 -24.24
N PHE C 209 -2.33 11.42 -23.18
CA PHE C 209 -2.72 12.83 -23.00
C PHE C 209 -2.03 13.76 -24.00
N TYR C 210 -0.82 13.40 -24.46
CA TYR C 210 -0.10 14.09 -25.53
C TYR C 210 -0.92 13.92 -26.83
N TYR C 211 -1.44 12.70 -27.09
CA TYR C 211 -2.32 12.40 -28.22
C TYR C 211 -3.62 13.24 -28.12
N LYS C 212 -4.23 13.28 -26.90
CA LYS C 212 -5.47 14.03 -26.61
C LYS C 212 -5.26 15.52 -26.88
N MET C 213 -4.10 16.05 -26.47
CA MET C 213 -3.74 17.45 -26.67
C MET C 213 -3.53 17.85 -28.13
N VAL C 214 -2.86 17.00 -28.97
CA VAL C 214 -2.63 17.34 -30.38
C VAL C 214 -3.96 17.32 -31.13
N VAL C 215 -4.87 16.36 -30.82
CA VAL C 215 -6.21 16.26 -31.40
C VAL C 215 -7.05 17.50 -31.05
N PHE C 216 -6.93 18.02 -29.80
CA PHE C 216 -7.65 19.24 -29.37
C PHE C 216 -7.13 20.46 -30.16
N LEU C 217 -5.80 20.67 -30.19
CA LEU C 217 -5.18 21.80 -30.88
C LEU C 217 -5.41 21.78 -32.40
N LYS C 218 -5.43 20.57 -33.02
CA LYS C 218 -5.69 20.40 -34.45
C LYS C 218 -7.13 20.84 -34.80
N LYS C 219 -8.11 20.48 -33.93
CA LYS C 219 -9.52 20.87 -34.08
C LYS C 219 -9.70 22.36 -33.77
N ARG C 220 -8.98 22.88 -32.75
CA ARG C 220 -9.01 24.29 -32.32
C ARG C 220 -8.42 25.19 -33.41
N SER C 221 -7.37 24.72 -34.13
CA SER C 221 -6.74 25.46 -35.23
C SER C 221 -7.68 25.60 -36.43
N GLN C 222 -8.37 24.48 -36.80
CA GLN C 222 -9.32 24.44 -37.92
C GLN C 222 -10.61 25.22 -37.63
N GLN C 223 -10.92 25.45 -36.33
CA GLN C 223 -12.11 26.20 -35.86
C GLN C 223 -11.79 27.68 -35.62
N GLN C 224 -10.97 27.97 -34.59
CA GLN C 224 -10.56 29.32 -34.20
C GLN C 224 -9.11 29.61 -34.61
N ASN C 231 0.77 25.48 -29.21
CA ASN C 231 1.96 24.66 -29.01
C ASN C 231 2.48 24.72 -27.57
N LYS C 232 2.38 25.89 -26.91
CA LYS C 232 2.86 26.16 -25.53
C LYS C 232 2.44 25.08 -24.50
N PRO C 233 1.16 24.61 -24.39
CA PRO C 233 0.87 23.55 -23.39
C PRO C 233 1.49 22.18 -23.71
N LEU C 234 1.78 21.89 -25.01
CA LEU C 234 2.41 20.62 -25.47
C LEU C 234 3.86 20.43 -24.99
N ARG C 235 4.60 21.54 -24.78
CA ARG C 235 6.00 21.57 -24.34
C ARG C 235 6.25 20.63 -23.16
N LEU C 236 5.48 20.81 -22.05
CA LEU C 236 5.60 20.03 -20.81
C LEU C 236 5.41 18.52 -21.00
N VAL C 237 4.31 18.07 -21.64
CA VAL C 237 4.03 16.65 -21.83
C VAL C 237 5.09 15.99 -22.75
N VAL C 238 5.46 16.62 -23.89
CA VAL C 238 6.48 16.08 -24.81
C VAL C 238 7.79 15.91 -24.06
N LEU C 239 8.22 16.96 -23.32
CA LEU C 239 9.43 16.92 -22.52
C LEU C 239 9.38 15.83 -21.44
N ALA C 240 8.26 15.68 -20.75
CA ALA C 240 8.10 14.62 -19.74
C ALA C 240 8.17 13.22 -20.38
N VAL C 241 7.47 12.99 -21.53
CA VAL C 241 7.50 11.68 -22.23
C VAL C 241 8.94 11.34 -22.66
N VAL C 242 9.71 12.37 -23.12
CA VAL C 242 11.10 12.25 -23.54
C VAL C 242 12.04 12.02 -22.33
N ILE C 243 12.06 12.93 -21.34
CA ILE C 243 12.92 12.79 -20.16
C ILE C 243 12.77 11.41 -19.52
N PHE C 244 11.51 11.01 -19.22
CA PHE C 244 11.24 9.72 -18.59
C PHE C 244 11.54 8.52 -19.48
N SER C 245 11.28 8.57 -20.80
CA SER C 245 11.68 7.48 -21.69
C SER C 245 13.20 7.35 -21.76
N VAL C 246 13.92 8.48 -21.91
CA VAL C 246 15.39 8.44 -22.06
C VAL C 246 16.10 8.07 -20.72
N LEU C 247 15.63 8.61 -19.58
CA LEU C 247 16.26 8.36 -18.28
C LEU C 247 15.88 7.03 -17.62
N PHE C 248 14.61 6.65 -17.66
CA PHE C 248 14.18 5.44 -16.98
C PHE C 248 14.33 4.15 -17.78
N THR C 249 14.27 4.17 -19.11
CA THR C 249 14.35 2.96 -19.92
C THR C 249 15.65 2.15 -19.70
N PRO C 250 16.91 2.66 -19.86
CA PRO C 250 18.07 1.76 -19.72
C PRO C 250 18.15 1.09 -18.34
N TYR C 251 17.83 1.88 -17.27
CA TYR C 251 17.81 1.43 -15.88
C TYR C 251 16.80 0.31 -15.67
N HIS C 252 15.55 0.48 -16.16
CA HIS C 252 14.53 -0.57 -16.02
C HIS C 252 14.86 -1.83 -16.81
N ILE C 253 15.52 -1.72 -18.00
CA ILE C 253 15.88 -2.92 -18.74
C ILE C 253 16.98 -3.67 -17.96
N MET C 254 18.05 -2.95 -17.57
CA MET C 254 19.21 -3.49 -16.86
C MET C 254 18.90 -3.98 -15.46
N ARG C 255 17.87 -3.43 -14.77
CA ARG C 255 17.48 -3.93 -13.46
C ARG C 255 16.87 -5.32 -13.61
N ASN C 256 15.97 -5.48 -14.60
CA ASN C 256 15.34 -6.77 -14.88
C ASN C 256 16.36 -7.81 -15.41
N VAL C 257 17.28 -7.38 -16.32
CA VAL C 257 18.36 -8.23 -16.84
C VAL C 257 19.28 -8.68 -15.69
N ARG C 258 19.66 -7.72 -14.81
CA ARG C 258 20.53 -7.96 -13.65
C ARG C 258 19.94 -9.02 -12.68
N ILE C 259 18.65 -8.88 -12.29
CA ILE C 259 17.97 -9.83 -11.41
C ILE C 259 17.90 -11.21 -12.07
N ALA C 260 17.49 -11.26 -13.36
CA ALA C 260 17.42 -12.49 -14.14
C ALA C 260 18.80 -13.15 -14.27
N SER C 261 19.91 -12.35 -14.36
CA SER C 261 21.28 -12.88 -14.44
C SER C 261 21.67 -13.68 -13.18
N ARG C 262 21.01 -13.41 -12.03
CA ARG C 262 21.19 -14.08 -10.73
C ARG C 262 20.47 -15.44 -10.67
N LEU C 263 19.74 -15.79 -11.74
CA LEU C 263 19.10 -17.08 -11.93
C LEU C 263 20.20 -18.02 -12.49
N ASP C 264 20.24 -18.34 -13.82
CA ASP C 264 21.26 -19.25 -14.37
C ASP C 264 21.90 -18.80 -15.73
N SER C 265 21.95 -17.47 -15.99
CA SER C 265 22.55 -16.88 -17.20
C SER C 265 24.00 -17.36 -17.51
N TRP C 266 24.82 -17.52 -16.45
CA TRP C 266 26.23 -17.93 -16.53
C TRP C 266 26.67 -18.57 -15.22
N GLY C 269 31.35 -17.21 -20.05
CA GLY C 269 30.49 -17.28 -18.87
C GLY C 269 30.76 -16.17 -17.86
N CYS C 270 31.22 -15.01 -18.36
CA CYS C 270 31.51 -13.81 -17.59
C CYS C 270 30.39 -12.77 -17.76
N SER C 271 29.23 -13.26 -18.26
CA SER C 271 28.03 -12.47 -18.52
C SER C 271 27.50 -11.78 -17.28
N GLN C 272 27.49 -12.47 -16.12
CA GLN C 272 26.99 -11.92 -14.86
C GLN C 272 27.71 -10.61 -14.45
N LYS C 273 29.05 -10.60 -14.50
CA LYS C 273 29.87 -9.43 -14.14
C LYS C 273 29.70 -8.30 -15.16
N ALA C 274 29.58 -8.66 -16.46
CA ALA C 274 29.38 -7.70 -17.56
C ALA C 274 28.04 -6.99 -17.40
N ILE C 275 26.96 -7.76 -17.11
CA ILE C 275 25.58 -7.29 -16.86
C ILE C 275 25.54 -6.37 -15.63
N LYS C 276 26.35 -6.67 -14.60
CA LYS C 276 26.44 -5.87 -13.38
C LYS C 276 27.00 -4.45 -13.69
N CYS C 277 28.12 -4.38 -14.44
CA CYS C 277 28.77 -3.14 -14.87
C CYS C 277 27.88 -2.27 -15.77
N LEU C 278 27.11 -2.92 -16.66
CA LEU C 278 26.16 -2.28 -17.57
C LEU C 278 24.95 -1.74 -16.79
N TYR C 279 24.57 -2.41 -15.66
CA TYR C 279 23.49 -1.98 -14.78
C TYR C 279 23.90 -0.73 -13.98
N ILE C 280 25.12 -0.77 -13.38
CA ILE C 280 25.74 0.32 -12.61
C ILE C 280 25.73 1.63 -13.44
N LEU C 281 26.05 1.54 -14.75
CA LEU C 281 26.09 2.68 -15.68
C LEU C 281 24.73 3.39 -15.86
N THR C 282 23.66 2.59 -15.91
CA THR C 282 22.29 3.10 -16.11
C THR C 282 21.71 3.78 -14.89
N ARG C 283 22.13 3.36 -13.69
CA ARG C 283 21.62 3.89 -12.41
C ARG C 283 21.74 5.41 -12.28
N PRO C 284 22.93 6.08 -12.45
CA PRO C 284 22.97 7.55 -12.34
C PRO C 284 22.22 8.29 -13.46
N LEU C 285 21.94 7.60 -14.57
CA LEU C 285 21.18 8.15 -15.69
C LEU C 285 19.73 8.25 -15.26
N ALA C 286 19.23 7.22 -14.53
CA ALA C 286 17.85 7.24 -14.01
C ALA C 286 17.74 8.28 -12.93
N PHE C 287 18.73 8.32 -12.01
CA PHE C 287 18.71 9.25 -10.87
C PHE C 287 18.96 10.70 -11.25
N LEU C 288 19.30 10.97 -12.54
CA LEU C 288 19.50 12.33 -13.08
C LEU C 288 18.18 13.11 -13.02
N ASN C 289 17.06 12.37 -12.96
CA ASN C 289 15.69 12.86 -12.83
C ASN C 289 15.52 13.91 -11.70
N SER C 290 16.05 13.62 -10.48
CA SER C 290 15.93 14.50 -9.32
C SER C 290 16.69 15.83 -9.45
N ALA C 291 17.64 15.90 -10.39
CA ALA C 291 18.42 17.11 -10.66
C ALA C 291 17.88 17.91 -11.86
N VAL C 292 17.17 17.24 -12.81
CA VAL C 292 16.69 17.91 -14.02
C VAL C 292 15.18 18.26 -14.00
N ASN C 293 14.33 17.46 -13.29
CA ASN C 293 12.88 17.65 -13.24
C ASN C 293 12.46 19.05 -12.64
N PRO C 294 13.32 19.85 -11.89
CA PRO C 294 12.91 21.23 -11.55
C PRO C 294 12.63 22.11 -12.78
N ILE C 295 13.07 21.68 -14.00
CA ILE C 295 12.82 22.42 -15.26
C ILE C 295 11.31 22.62 -15.53
N PHE C 296 10.49 21.68 -15.06
CA PHE C 296 9.06 21.66 -15.29
C PHE C 296 8.33 22.85 -14.65
N TYR C 297 8.97 23.49 -13.64
CA TYR C 297 8.49 24.71 -12.98
C TYR C 297 8.39 25.87 -13.98
N PHE C 298 9.27 25.87 -15.00
CA PHE C 298 9.44 26.88 -16.05
C PHE C 298 8.62 26.59 -17.33
N LEU C 299 7.73 25.59 -17.26
CA LEU C 299 6.93 25.19 -18.42
C LEU C 299 5.42 25.23 -18.13
N VAL C 300 5.01 26.00 -17.11
CA VAL C 300 3.60 26.07 -16.73
C VAL C 300 2.99 27.49 -16.93
N GLY C 301 3.54 28.24 -17.90
CA GLY C 301 3.08 29.54 -18.39
C GLY C 301 2.80 30.70 -17.45
N ASP C 302 3.39 30.71 -16.24
CA ASP C 302 3.18 31.76 -15.22
C ASP C 302 4.23 32.86 -15.18
N HIS C 303 5.33 32.69 -15.93
CA HIS C 303 6.52 33.57 -15.99
C HIS C 303 7.31 33.53 -14.65
N PHE C 304 7.36 32.33 -14.02
CA PHE C 304 8.08 32.05 -12.76
C PHE C 304 9.57 32.43 -12.88
N ARG C 305 10.18 32.19 -14.06
CA ARG C 305 11.57 32.51 -14.37
C ARG C 305 11.79 34.02 -14.17
N ASP C 306 10.86 34.84 -14.69
CA ASP C 306 10.84 36.31 -14.58
C ASP C 306 10.56 36.72 -13.12
N MET C 307 9.65 36.00 -12.42
CA MET C 307 9.29 36.24 -11.02
C MET C 307 10.51 36.02 -10.11
N LEU C 308 11.27 34.92 -10.35
CA LEU C 308 12.48 34.54 -9.59
C LEU C 308 13.58 35.58 -9.70
N PHE C 309 13.94 35.97 -10.93
CA PHE C 309 15.00 36.94 -11.22
C PHE C 309 14.74 38.33 -10.64
N SER C 310 13.45 38.74 -10.54
CA SER C 310 13.05 40.03 -9.95
C SER C 310 13.34 40.04 -8.44
N LYS C 311 13.08 38.91 -7.75
CA LYS C 311 13.29 38.73 -6.30
C LYS C 311 14.77 38.64 -5.94
N GLU D 9 2.94 50.94 -14.53
CA GLU D 9 2.12 51.96 -13.89
C GLU D 9 0.98 52.44 -14.81
N VAL D 10 0.03 51.54 -15.10
CA VAL D 10 -1.14 51.82 -15.96
C VAL D 10 -2.40 51.69 -15.09
N GLN D 11 -3.29 52.70 -15.14
CA GLN D 11 -4.55 52.71 -14.40
C GLN D 11 -5.71 52.26 -15.29
N LEU D 12 -6.72 51.57 -14.70
CA LEU D 12 -7.91 51.04 -15.40
C LEU D 12 -9.25 51.57 -14.83
N VAL D 13 -10.24 51.85 -15.72
CA VAL D 13 -11.59 52.31 -15.33
C VAL D 13 -12.73 51.60 -16.09
N GLU D 14 -13.69 50.99 -15.35
CA GLU D 14 -14.90 50.32 -15.87
C GLU D 14 -16.07 51.35 -15.88
N SER D 15 -17.07 51.24 -16.81
CA SER D 15 -18.11 52.27 -16.83
C SER D 15 -19.57 51.89 -17.26
N GLY D 16 -19.76 50.78 -17.97
CA GLY D 16 -21.09 50.44 -18.49
C GLY D 16 -22.12 49.85 -17.55
N GLY D 17 -21.81 49.82 -16.25
CA GLY D 17 -22.63 49.20 -15.21
C GLY D 17 -23.92 49.89 -14.82
N GLY D 18 -24.88 49.08 -14.38
CA GLY D 18 -26.19 49.54 -13.93
C GLY D 18 -27.25 48.47 -13.89
N LEU D 19 -28.51 48.92 -13.76
CA LEU D 19 -29.70 48.07 -13.69
C LEU D 19 -30.17 47.59 -15.07
N VAL D 20 -30.41 46.28 -15.20
CA VAL D 20 -30.91 45.63 -16.42
C VAL D 20 -31.99 44.63 -16.05
N GLN D 21 -32.98 44.48 -16.94
CA GLN D 21 -34.05 43.50 -16.75
C GLN D 21 -33.56 42.05 -17.12
N PRO D 22 -34.11 40.99 -16.47
CA PRO D 22 -33.70 39.61 -16.84
C PRO D 22 -33.94 39.28 -18.31
N GLY D 23 -32.88 38.82 -18.97
CA GLY D 23 -32.88 38.48 -20.39
C GLY D 23 -32.21 39.57 -21.21
N GLY D 24 -32.01 40.74 -20.58
CA GLY D 24 -31.40 41.92 -21.17
C GLY D 24 -29.96 41.77 -21.61
N SER D 25 -29.39 42.87 -22.12
CA SER D 25 -28.02 43.01 -22.62
C SER D 25 -27.36 44.25 -22.03
N LEU D 26 -26.07 44.15 -21.75
CA LEU D 26 -25.28 45.26 -21.22
C LEU D 26 -23.90 45.18 -21.85
N ARG D 27 -23.28 46.33 -22.16
CA ARG D 27 -21.94 46.38 -22.71
C ARG D 27 -21.02 47.12 -21.75
N LEU D 28 -19.96 46.44 -21.29
CA LEU D 28 -18.97 47.02 -20.37
C LEU D 28 -17.71 47.43 -21.12
N SER D 29 -17.04 48.48 -20.63
CA SER D 29 -15.82 49.03 -21.21
C SER D 29 -14.71 49.07 -20.16
N CYS D 30 -13.46 48.82 -20.60
CA CYS D 30 -12.26 48.86 -19.78
C CYS D 30 -11.28 49.85 -20.46
N GLU D 31 -11.19 51.06 -19.91
CA GLU D 31 -10.32 52.10 -20.45
C GLU D 31 -9.03 52.18 -19.67
N ALA D 32 -7.89 52.16 -20.39
CA ALA D 32 -6.53 52.22 -19.83
C ALA D 32 -6.21 53.62 -19.36
N LEU D 37 -4.40 48.13 -23.35
CA LEU D 37 -3.60 48.47 -24.55
C LEU D 37 -2.94 47.23 -25.21
N ALA D 38 -2.43 47.43 -26.45
CA ALA D 38 -1.81 46.46 -27.38
C ALA D 38 -1.09 45.25 -26.75
N ASN D 39 0.00 45.49 -25.98
CA ASN D 39 0.83 44.44 -25.37
C ASN D 39 0.22 43.68 -24.18
N TYR D 40 -0.76 44.27 -23.47
CA TYR D 40 -1.40 43.69 -22.29
C TYR D 40 -2.45 42.63 -22.60
N ALA D 41 -2.67 41.74 -21.62
CA ALA D 41 -3.73 40.74 -21.62
C ALA D 41 -4.82 41.32 -20.71
N ILE D 42 -6.07 41.37 -21.18
CA ILE D 42 -7.15 41.94 -20.36
C ILE D 42 -8.15 40.86 -20.02
N GLY D 43 -8.55 40.82 -18.76
CA GLY D 43 -9.52 39.86 -18.27
C GLY D 43 -10.62 40.54 -17.48
N TRP D 44 -11.84 39.98 -17.56
CA TRP D 44 -13.01 40.42 -16.84
C TRP D 44 -13.30 39.42 -15.71
N PHE D 45 -13.50 39.96 -14.51
CA PHE D 45 -13.76 39.23 -13.26
C PHE D 45 -15.00 39.82 -12.60
N ARG D 46 -15.76 38.98 -11.90
CA ARG D 46 -16.97 39.43 -11.20
C ARG D 46 -16.99 38.87 -9.79
N GLN D 47 -17.52 39.66 -8.85
CA GLN D 47 -17.67 39.25 -7.47
C GLN D 47 -19.02 39.70 -6.93
N ALA D 48 -19.83 38.71 -6.49
CA ALA D 48 -21.15 38.92 -5.89
C ALA D 48 -21.00 38.96 -4.36
N PRO D 49 -21.88 39.67 -3.61
CA PRO D 49 -21.71 39.70 -2.14
C PRO D 49 -21.79 38.32 -1.51
N GLY D 50 -20.72 37.95 -0.82
CA GLY D 50 -20.59 36.67 -0.14
C GLY D 50 -19.88 35.59 -0.93
N LYS D 51 -19.54 35.88 -2.19
CA LYS D 51 -18.86 34.91 -3.07
C LYS D 51 -17.41 35.35 -3.39
N GLU D 52 -16.59 34.42 -3.87
CA GLU D 52 -15.21 34.68 -4.27
C GLU D 52 -15.21 35.29 -5.65
N ARG D 53 -14.09 35.90 -6.05
CA ARG D 53 -13.93 36.52 -7.37
C ARG D 53 -13.91 35.43 -8.44
N GLU D 54 -14.79 35.57 -9.44
CA GLU D 54 -14.99 34.63 -10.54
C GLU D 54 -14.59 35.27 -11.86
N GLY D 55 -13.65 34.63 -12.56
CA GLY D 55 -13.22 35.05 -13.88
C GLY D 55 -14.31 34.79 -14.89
N VAL D 56 -14.54 35.72 -15.76
CA VAL D 56 -15.63 35.64 -16.73
C VAL D 56 -15.11 35.47 -18.16
N SER D 57 -14.17 36.32 -18.57
CA SER D 57 -13.65 36.35 -19.94
C SER D 57 -12.27 36.96 -19.99
N CYS D 58 -11.45 36.53 -20.95
CA CYS D 58 -10.08 37.02 -21.06
C CYS D 58 -9.70 37.17 -22.51
N ILE D 59 -8.86 38.16 -22.80
CA ILE D 59 -8.34 38.45 -24.13
C ILE D 59 -6.82 38.64 -24.06
N SER D 60 -6.11 37.99 -24.99
CA SER D 60 -4.65 38.05 -25.05
C SER D 60 -4.22 39.18 -25.94
N SER D 61 -2.93 39.55 -25.85
CA SER D 61 -2.30 40.59 -26.68
C SER D 61 -2.42 40.25 -28.17
N GLY D 62 -2.33 38.95 -28.48
CA GLY D 62 -2.45 38.43 -29.83
C GLY D 62 -3.89 38.40 -30.34
N GLY D 63 -4.84 38.72 -29.46
CA GLY D 63 -6.26 38.77 -29.81
C GLY D 63 -7.12 37.59 -29.39
N SER D 64 -6.50 36.42 -29.09
CA SER D 64 -7.23 35.20 -28.70
C SER D 64 -8.07 35.40 -27.42
N THR D 65 -9.29 34.85 -27.43
CA THR D 65 -10.32 35.01 -26.39
C THR D 65 -10.73 33.73 -25.67
N VAL D 66 -10.93 33.83 -24.35
CA VAL D 66 -11.39 32.70 -23.52
C VAL D 66 -12.60 33.14 -22.68
N TYR D 67 -13.50 32.19 -22.40
CA TYR D 67 -14.74 32.39 -21.65
C TYR D 67 -14.93 31.32 -20.61
N SER D 68 -15.54 31.70 -19.47
CA SER D 68 -15.88 30.74 -18.43
C SER D 68 -17.12 29.98 -18.92
N GLU D 69 -17.28 28.74 -18.46
CA GLU D 69 -18.40 27.87 -18.85
C GLU D 69 -19.79 28.51 -18.62
N SER D 70 -19.91 29.35 -17.59
CA SER D 70 -21.14 30.04 -17.20
C SER D 70 -21.54 31.18 -18.14
N VAL D 71 -20.60 31.70 -18.94
CA VAL D 71 -20.88 32.84 -19.81
C VAL D 71 -20.64 32.52 -21.30
N LYS D 72 -20.41 31.23 -21.66
CA LYS D 72 -20.21 30.87 -23.08
C LYS D 72 -21.54 31.03 -23.85
N ASP D 73 -21.47 31.31 -25.16
CA ASP D 73 -22.62 31.50 -26.05
C ASP D 73 -23.48 32.75 -25.71
N ARG D 74 -23.06 33.57 -24.72
CA ARG D 74 -23.83 34.74 -24.36
C ARG D 74 -22.97 35.99 -24.02
N PHE D 75 -21.67 35.84 -23.89
CA PHE D 75 -20.76 36.97 -23.64
C PHE D 75 -19.74 37.00 -24.76
N THR D 76 -19.27 38.20 -25.15
CA THR D 76 -18.27 38.42 -26.20
C THR D 76 -17.28 39.48 -25.73
N ILE D 77 -16.00 39.12 -25.75
CA ILE D 77 -14.88 40.00 -25.41
C ILE D 77 -14.22 40.48 -26.71
N SER D 78 -13.92 41.76 -26.79
CA SER D 78 -13.28 42.36 -27.96
C SER D 78 -12.43 43.52 -27.51
N ARG D 79 -11.44 43.89 -28.33
CA ARG D 79 -10.54 44.98 -27.99
C ARG D 79 -10.44 45.94 -29.15
N ASP D 80 -10.46 47.24 -28.86
CA ASP D 80 -10.29 48.27 -29.88
C ASP D 80 -8.82 48.41 -30.20
N ASN D 81 -7.94 48.33 -29.15
CA ASN D 81 -6.48 48.44 -29.12
C ASN D 81 -6.02 49.89 -28.91
N ALA D 82 -6.87 50.85 -29.32
CA ALA D 82 -6.68 52.29 -29.14
C ALA D 82 -7.26 52.70 -27.73
N LYS D 84 -6.90 51.88 -26.68
CA LYS D 84 -7.09 51.97 -25.23
C LYS D 84 -8.29 51.18 -24.63
N ILE D 85 -9.23 50.61 -25.44
CA ILE D 85 -10.40 49.94 -24.82
C ILE D 85 -10.60 48.44 -25.12
N VAL D 86 -11.17 47.72 -24.14
CA VAL D 86 -11.64 46.33 -24.28
C VAL D 86 -13.10 46.31 -23.87
N TYR D 87 -13.95 45.75 -24.73
CA TYR D 87 -15.39 45.66 -24.55
C TYR D 87 -15.84 44.27 -24.13
N LEU D 88 -16.91 44.21 -23.32
CA LEU D 88 -17.53 42.95 -22.90
C LEU D 88 -19.04 43.06 -23.17
N GLN D 89 -19.52 42.40 -24.23
CA GLN D 89 -20.95 42.40 -24.55
C GLN D 89 -21.58 41.25 -23.80
N MET D 90 -22.42 41.57 -22.82
CA MET D 90 -23.08 40.58 -21.96
C MET D 90 -24.52 40.46 -22.40
N ASN D 91 -24.93 39.26 -22.83
CA ASN D 91 -26.30 39.01 -23.27
C ASN D 91 -26.95 37.95 -22.38
N SER D 92 -28.30 37.88 -22.43
CA SER D 92 -29.12 36.93 -21.66
C SER D 92 -28.75 36.98 -20.15
N LEU D 93 -28.72 38.18 -19.56
CA LEU D 93 -28.37 38.38 -18.15
C LEU D 93 -29.51 37.98 -17.23
N GLN D 94 -29.18 37.33 -16.12
CA GLN D 94 -30.18 36.87 -15.15
C GLN D 94 -29.74 37.33 -13.73
N PRO D 95 -30.62 37.28 -12.69
CA PRO D 95 -30.17 37.70 -11.34
C PRO D 95 -28.83 37.13 -10.84
N GLU D 96 -28.47 35.86 -11.18
CA GLU D 96 -27.20 35.22 -10.77
C GLU D 96 -25.97 36.00 -11.27
N ASP D 97 -26.11 36.71 -12.41
CA ASP D 97 -25.06 37.50 -13.05
C ASP D 97 -24.80 38.85 -12.37
N THR D 98 -25.62 39.23 -11.37
CA THR D 98 -25.47 40.45 -10.58
C THR D 98 -24.17 40.34 -9.79
N ALA D 99 -23.28 41.34 -9.98
CA ALA D 99 -21.98 41.43 -9.33
C ALA D 99 -21.34 42.76 -9.67
N VAL D 100 -20.20 43.05 -9.02
CA VAL D 100 -19.34 44.18 -9.34
C VAL D 100 -18.35 43.56 -10.32
N TYR D 101 -18.25 44.12 -11.53
CA TYR D 101 -17.38 43.62 -12.59
C TYR D 101 -16.10 44.43 -12.69
N TYR D 102 -14.96 43.75 -12.52
CA TYR D 102 -13.63 44.35 -12.59
C TYR D 102 -12.90 43.80 -13.79
N CYS D 103 -12.09 44.66 -14.46
CA CYS D 103 -11.19 44.23 -15.51
C CYS D 103 -9.77 44.30 -14.94
N ALA D 104 -8.88 43.37 -15.34
CA ALA D 104 -7.49 43.33 -14.87
C ALA D 104 -6.55 43.24 -16.05
N ALA D 105 -5.34 43.81 -15.90
CA ALA D 105 -4.29 43.82 -16.93
C ALA D 105 -3.01 43.07 -16.57
N ASP D 106 -2.59 42.17 -17.48
CA ASP D 106 -1.37 41.38 -17.33
C ASP D 106 -0.31 41.94 -18.30
N PRO D 107 0.87 42.45 -17.80
CA PRO D 107 1.90 42.95 -18.75
C PRO D 107 2.49 41.85 -19.64
N PHE D 108 2.23 40.56 -19.28
CA PHE D 108 2.61 39.39 -20.06
C PHE D 108 1.37 39.01 -20.88
N GLY D 109 1.28 39.62 -22.07
CA GLY D 109 0.17 39.46 -23.01
C GLY D 109 -0.37 38.08 -23.26
N GLU D 110 0.50 37.06 -23.30
CA GLU D 110 0.09 35.68 -23.54
C GLU D 110 0.03 34.81 -22.26
N ARG D 111 0.00 35.45 -21.07
CA ARG D 111 -0.01 34.70 -19.81
C ARG D 111 -1.43 34.49 -19.24
N LEU D 112 -2.09 35.56 -18.76
CA LEU D 112 -3.38 35.60 -18.07
C LEU D 112 -4.45 34.62 -18.54
N CYS D 113 -4.65 34.51 -19.86
CA CYS D 113 -5.74 33.72 -20.42
C CYS D 113 -5.50 32.21 -20.40
N ILE D 114 -4.28 31.76 -20.03
CA ILE D 114 -3.95 30.34 -19.86
C ILE D 114 -4.71 29.84 -18.60
N ASP D 115 -4.64 30.61 -17.50
CA ASP D 115 -5.24 30.27 -16.21
C ASP D 115 -5.75 31.58 -15.54
N PRO D 116 -6.87 32.21 -16.03
CA PRO D 116 -7.28 33.50 -15.49
C PRO D 116 -7.46 33.59 -13.98
N ASN D 117 -8.06 32.56 -13.35
CA ASN D 117 -8.38 32.57 -11.93
C ASN D 117 -7.16 32.42 -11.04
N THR D 118 -6.06 31.83 -11.54
CA THR D 118 -4.84 31.69 -10.76
C THR D 118 -3.93 32.88 -11.05
N PHE D 119 -3.78 33.23 -12.33
CA PHE D 119 -2.83 34.25 -12.77
C PHE D 119 -3.24 35.67 -12.39
N ALA D 120 -4.55 35.89 -12.09
CA ALA D 120 -5.10 37.17 -11.64
C ALA D 120 -4.55 37.54 -10.27
N GLY D 121 -4.09 36.52 -9.52
CA GLY D 121 -3.52 36.68 -8.19
C GLY D 121 -2.11 37.22 -8.20
N TYR D 122 -1.50 37.35 -9.40
CA TYR D 122 -0.13 37.86 -9.58
C TYR D 122 -0.15 39.34 -9.97
N LEU D 123 -1.30 39.82 -10.48
CA LEU D 123 -1.53 41.16 -11.03
C LEU D 123 -1.71 42.28 -10.01
N GLU D 124 -1.09 43.44 -10.31
CA GLU D 124 -1.14 44.68 -9.53
C GLU D 124 -2.15 45.68 -10.17
N THR D 125 -2.34 45.59 -11.50
CA THR D 125 -3.22 46.47 -12.29
C THR D 125 -4.65 45.92 -12.36
N TRP D 126 -5.56 46.60 -11.65
CA TRP D 126 -6.99 46.27 -11.59
C TRP D 126 -7.82 47.52 -11.81
N GLY D 127 -9.13 47.33 -11.88
CA GLY D 127 -10.06 48.43 -11.99
C GLY D 127 -10.76 48.66 -10.66
N GLN D 128 -11.51 49.77 -10.58
CA GLN D 128 -12.27 50.16 -9.39
C GLN D 128 -13.54 49.30 -9.27
N GLY D 129 -13.99 48.74 -10.40
CA GLY D 129 -15.20 47.93 -10.51
C GLY D 129 -16.43 48.70 -10.92
N THR D 130 -17.44 47.95 -11.45
CA THR D 130 -18.73 48.52 -11.87
C THR D 130 -19.87 47.56 -11.48
N GLN D 131 -20.83 48.07 -10.68
CA GLN D 131 -21.99 47.32 -10.22
C GLN D 131 -22.95 47.04 -11.39
N VAL D 132 -23.32 45.76 -11.55
CA VAL D 132 -24.26 45.27 -12.57
C VAL D 132 -25.35 44.56 -11.79
N THR D 133 -26.59 45.08 -11.80
CA THR D 133 -27.74 44.52 -11.10
C THR D 133 -28.78 44.06 -12.11
N VAL D 134 -29.24 42.81 -11.97
CA VAL D 134 -30.25 42.22 -12.86
C VAL D 134 -31.45 41.86 -12.00
N SER D 135 -32.55 42.60 -12.18
CA SER D 135 -33.79 42.45 -11.42
C SER D 135 -35.01 42.72 -12.28
C24 OLC E . -16.24 6.95 -12.58
C5 OLC E . -10.71 4.43 -5.76
C4 OLC E . -11.28 5.62 -6.60
C3 OLC E . -12.47 5.19 -7.51
C2 OLC E . -13.48 6.36 -7.73
C21 OLC E . -16.02 5.70 -10.34
C1 OLC E . -14.13 6.38 -9.09
C22 OLC E . -16.68 6.89 -11.09
O19 OLC E . -13.49 6.64 -10.09
O25 OLC E . -17.34 7.37 -13.41
O23 OLC E . -18.11 6.80 -10.98
O20 OLC E . -15.47 6.16 -9.09
C24 OLC F . -4.35 13.81 17.90
C4 OLC F . -1.00 6.42 15.81
C3 OLC F . -1.74 7.43 16.73
C2 OLC F . -1.71 8.89 16.22
C21 OLC F . -2.99 12.08 16.57
C1 OLC F . -2.28 9.91 17.18
C22 OLC F . -2.94 13.35 17.46
O19 OLC F . -3.01 9.59 18.10
O25 OLC F . -4.24 15.08 18.56
O23 OLC F . -2.11 13.13 18.62
O20 OLC F . -1.92 11.19 16.96
C18 OLC G . -10.75 -12.23 -5.73
C10 OLC G . -6.44 -15.13 -0.40
C9 OLC G . -7.56 -15.44 -1.06
C17 OLC G . -9.87 -13.23 -4.93
C11 OLC G . -5.57 -13.93 -0.67
C8 OLC G . -8.44 -16.66 -0.81
C24 OLC G . 0.70 -16.73 -0.01
C16 OLC G . -9.79 -12.86 -3.43
C12 OLC G . -6.19 -12.65 -0.06
C7 OLC G . -8.86 -17.31 -2.17
C15 OLC G . -8.32 -12.64 -3.00
C13 OLC G . -6.74 -11.71 -1.17
C6 OLC G . -7.66 -17.83 -3.00
C14 OLC G . -8.19 -12.11 -1.53
C5 OLC G . -7.32 -19.33 -2.70
C4 OLC G . -6.26 -19.87 -3.70
C3 OLC G . -4.84 -19.95 -3.06
C2 OLC G . -4.30 -18.55 -2.63
C21 OLC G . -1.64 -17.29 -0.91
C1 OLC G . -2.79 -18.44 -2.60
C22 OLC G . -0.12 -17.41 -1.15
O19 OLC G . -2.06 -19.35 -2.97
O25 OLC G . 2.10 -17.09 -0.13
O23 OLC G . 0.24 -18.80 -1.25
O20 OLC G . -2.31 -17.26 -2.19
C10 OLC H . -20.14 -11.88 19.78
C9 OLC H . -20.86 -10.76 19.63
C11 OLC H . -19.28 -12.25 20.98
C8 OLC H . -20.97 -9.64 20.63
C24 OLC H . -22.05 0.82 18.12
C12 OLC H . -18.85 -13.74 20.90
C7 OLC H . -22.24 -8.80 20.36
C6 OLC H . -22.70 -8.05 21.65
C5 OLC H . -23.39 -6.71 21.28
C4 OLC H . -23.18 -5.62 22.37
C3 OLC H . -23.50 -4.23 21.76
C2 OLC H . -22.35 -3.21 21.92
C21 OLC H . -22.10 0.28 20.66
C1 OLC H . -22.72 -1.88 21.32
C22 OLC H . -21.27 0.81 19.47
O19 OLC H . -23.90 -1.61 21.12
O25 OLC H . -22.48 2.16 17.75
O23 OLC H . -20.83 2.14 19.78
O20 OLC H . -21.70 -1.05 21.02
C18 OLC I . -22.39 -19.01 0.86
C10 OLC I . -24.85 -11.63 2.81
C9 OLC I . -25.07 -10.58 1.99
C17 OLC I . -21.88 -17.73 0.15
C11 OLC I . -24.92 -13.09 2.42
C8 OLC I . -25.01 -9.13 2.35
C24 OLC I . -34.66 -1.76 5.15
C16 OLC I . -22.92 -16.57 0.24
C12 OLC I . -23.56 -13.56 1.83
C7 OLC I . -26.36 -8.70 2.99
C15 OLC I . -22.54 -15.35 -0.63
C13 OLC I . -23.37 -13.11 0.35
C6 OLC I . -27.17 -7.77 2.04
C14 OLC I . -23.66 -14.26 -0.66
C5 OLC I . -28.63 -7.57 2.53
C4 OLC I . -28.88 -6.11 3.00
C3 OLC I . -30.27 -5.98 3.68
C2 OLC I . -30.22 -5.03 4.92
C21 OLC I . -32.76 -3.42 5.63
C1 OLC I . -31.34 -5.29 5.89
C22 OLC I . -34.27 -3.11 5.80
O19 OLC I . -31.16 -5.89 6.95
O25 OLC I . -35.29 -0.91 6.13
O23 OLC I . -35.08 -4.18 5.28
O20 OLC I . -32.55 -4.83 5.50
C18 OLC J . 1.99 8.77 8.23
C10 OLC J . -1.43 15.30 10.00
C9 OLC J . -2.26 15.96 9.17
C17 OLC J . 0.79 8.78 7.23
C11 OLC J . -0.54 14.12 9.66
C8 OLC J . -3.14 17.13 9.55
C24 OLC J . -6.97 25.69 2.73
C16 OLC J . -0.53 9.25 7.91
C12 OLC J . -0.79 13.61 8.21
C7 OLC J . -3.75 17.72 8.26
C15 OLC J . -1.54 9.92 6.92
C13 OLC J . -0.70 12.05 8.12
C6 OLC J . -3.30 19.20 8.06
C14 OLC J . -1.72 11.46 7.12
C5 OLC J . -4.53 20.13 7.99
C4 OLC J . -4.91 20.47 6.52
C3 OLC J . -4.12 21.69 5.97
C2 OLC J . -3.97 22.83 7.02
C21 OLC J . -6.14 25.10 5.08
C1 OLC J . -4.63 24.13 6.63
C22 OLC J . -6.81 24.56 3.79
O19 OLC J . -4.13 25.21 6.95
O25 OLC J . -7.24 25.12 1.45
O23 OLC J . -6.06 23.44 3.26
O20 OLC J . -5.77 23.98 5.92
C18 OLC K . -20.60 -11.33 15.25
C10 OLC K . -15.31 -18.33 20.31
C9 OLC K . -14.83 -19.54 20.00
C17 OLC K . -19.66 -11.87 16.37
C11 OLC K . -15.44 -17.13 19.39
C8 OLC K . -14.29 -20.01 18.66
C24 OLC K . -12.92 -30.29 13.86
C16 OLC K . -19.16 -13.32 16.11
C12 OLC K . -16.80 -17.16 18.63
C7 OLC K . -15.44 -20.10 17.60
C15 OLC K . -19.07 -14.15 17.43
C13 OLC K . -17.47 -15.75 18.60
C6 OLC K . -15.10 -21.08 16.44
C14 OLC K . -18.17 -15.42 17.27
C5 OLC K . -14.87 -22.52 16.99
C4 OLC K . -14.35 -23.49 15.90
C3 OLC K . -15.06 -24.86 16.00
C2 OLC K . -14.26 -26.01 15.32
C21 OLC K . -12.02 -28.49 15.53
C1 OLC K . -13.22 -26.60 16.24
C22 OLC K . -12.30 -29.99 15.25
O19 OLC K . -12.48 -25.90 16.92
O25 OLC K . -12.88 -29.14 13.00
O23 OLC K . -11.11 -30.78 15.46
O20 OLC K . -13.16 -27.95 16.23
C10 OLC L . -11.85 5.71 28.16
C9 OLC L . -12.19 6.82 28.85
C11 OLC L . -11.72 4.29 28.65
C8 OLC L . -12.28 8.20 28.23
C24 OLC L . -19.89 13.03 24.81
C12 OLC L . -11.89 3.29 27.48
C7 OLC L . -13.17 9.16 29.06
C13 OLC L . -10.56 2.57 27.10
C6 OLC L . -14.63 9.20 28.51
C14 OLC L . -10.57 2.04 25.63
C5 OLC L . -15.62 8.41 29.41
C4 OLC L . -16.49 7.40 28.63
C3 OLC L . -17.41 8.16 27.63
C2 OLC L . -18.58 8.89 28.36
C21 OLC L . -19.79 11.16 26.55
C1 OLC L . -18.46 10.40 28.35
C22 OLC L . -20.35 12.57 26.22
O19 OLC L . -17.42 10.95 28.70
O25 OLC L . -21.02 13.20 23.93
O23 OLC L . -21.79 12.64 26.36
O20 OLC L . -19.57 11.06 27.97
C1 GOL M . -19.88 13.70 7.18
O1 GOL M . -20.40 14.62 8.15
C2 GOL M . -19.14 12.52 7.88
O2 GOL M . -20.05 11.79 8.74
C3 GOL M . -18.40 11.60 6.86
O3 GOL M . -17.10 11.21 7.35
C01 H95 N . 4.43 -23.30 1.85
C02 H95 N . 3.25 -22.48 2.41
C03 H95 N . 2.25 -23.43 3.06
C04 H95 N . 0.82 -22.91 2.87
C05 H95 N . 0.35 -22.77 1.41
C06 H95 N . 0.98 -23.74 0.39
O07 H95 N . -1.02 -23.00 1.40
O08 H95 N . 3.64 -21.50 3.35
H012 H95 N . 5.14 -22.71 1.57
H011 H95 N . 4.13 -23.83 1.10
H013 H95 N . 4.76 -23.89 2.55
H021 H95 N . 2.85 -22.00 1.67
H032 H95 N . 2.42 -23.48 4.02
H031 H95 N . 2.34 -24.32 2.69
H042 H95 N . 0.22 -23.49 3.34
H041 H95 N . 0.77 -22.03 3.28
H051 H95 N . 0.51 -21.86 1.12
H063 H95 N . 1.10 -24.62 0.77
H062 H95 N . 1.84 -23.39 0.11
H061 H95 N . 0.41 -23.81 -0.40
H071 H95 N . -1.40 -22.44 1.91
H081 H95 N . 4.10 -21.89 3.96
C24 OLC O . -15.29 11.03 -8.75
C6 OLC O . -7.31 8.24 -3.83
C5 OLC O . -8.08 9.06 -4.89
C4 OLC O . -8.15 10.59 -4.59
C3 OLC O . -9.59 10.97 -4.17
C2 OLC O . -10.46 11.55 -5.32
C21 OLC O . -13.42 10.19 -7.16
C1 OLC O . -11.37 10.54 -6.00
C22 OLC O . -13.77 11.02 -8.43
O19 OLC O . -10.95 9.42 -6.31
O25 OLC O . -15.58 12.01 -9.77
O23 OLC O . -13.26 12.36 -8.34
O20 OLC O . -12.63 10.98 -6.24
C18 OLC P . -6.23 3.82 -4.41
C10 OLC P . -3.10 8.80 3.30
C9 OLC P . -2.49 7.81 4.00
C17 OLC P . -5.71 5.13 -3.75
C11 OLC P . -4.54 8.87 2.86
C8 OLC P . -1.02 7.74 4.38
C24 OLC P . 6.22 -0.92 9.09
C16 OLC P . -5.45 4.97 -2.23
C12 OLC P . -4.96 7.54 2.19
C7 OLC P . -0.47 6.30 4.08
C15 OLC P . -5.58 6.32 -1.48
C13 OLC P . -4.83 7.56 0.65
C6 OLC P . 1.07 6.23 3.86
C14 OLC P . -5.22 6.19 0.03
C5 OLC P . 1.59 4.78 4.06
C4 OLC P . 1.41 4.32 5.54
C3 OLC P . 2.68 4.53 6.41
C2 OLC P . 2.96 3.22 7.19
C21 OLC P . 4.96 1.14 8.26
C1 OLC P . 4.05 3.29 8.24
C22 OLC P . 6.33 0.41 8.32
O19 OLC P . 3.90 3.95 9.27
O25 OLC P . 7.48 -1.20 9.70
O23 OLC P . 6.83 0.17 7.00
O20 OLC P . 5.14 2.55 7.98
C1 CLR Q . -8.08 8.74 -18.65
C2 CLR Q . -9.23 9.21 -19.57
C3 CLR Q . -10.59 8.60 -19.11
C4 CLR Q . -10.86 8.91 -17.61
C5 CLR Q . -9.72 8.46 -16.71
C6 CLR Q . -9.99 7.74 -15.62
C7 CLR Q . -8.96 7.22 -14.65
C8 CLR Q . -7.56 7.86 -14.83
C9 CLR Q . -7.22 8.02 -16.36
C10 CLR Q . -8.29 8.91 -17.10
C11 CLR Q . -5.74 8.50 -16.56
C12 CLR Q . -4.71 7.63 -15.77
C13 CLR Q . -5.01 7.61 -14.24
C14 CLR Q . -6.45 7.00 -14.13
C15 CLR Q . -6.64 6.67 -12.64
C16 CLR Q . -5.22 6.19 -12.24
C17 CLR Q . -4.21 6.55 -13.39
C18 CLR Q . -4.89 9.04 -13.63
C19 CLR Q . -8.13 10.40 -16.68
C20 CLR Q . -2.75 6.89 -12.91
C21 CLR Q . -1.76 6.99 -14.12
C22 CLR Q . -2.25 5.88 -11.83
C23 CLR Q . -1.32 4.71 -12.29
C24 CLR Q . -1.01 3.73 -11.13
C25 CLR Q . -1.06 2.23 -11.53
C26 CLR Q . -1.01 1.35 -10.25
C27 CLR Q . -2.34 1.87 -12.34
O1 CLR Q . -11.65 9.14 -19.93
C18 OLC R . 9.31 11.77 2.37
C10 OLC R . 1.25 17.00 0.51
C9 OLC R . 0.87 17.81 -0.48
C17 OLC R . 8.07 12.47 3.01
C11 OLC R . 1.92 15.65 0.39
C8 OLC R . 0.22 19.17 -0.33
C24 OLC R . 2.77 30.03 0.98
C16 OLC R . 6.76 12.05 2.30
C12 OLC R . 3.13 15.57 1.37
C7 OLC R . 1.20 20.21 0.30
C15 OLC R . 5.56 12.94 2.76
C13 OLC R . 3.61 14.10 1.60
C6 OLC R . 1.10 21.60 -0.39
C14 OLC R . 5.16 14.00 1.70
C5 OLC R . 0.05 22.55 0.23
C4 OLC R . -0.30 23.69 -0.77
C3 OLC R . -0.85 25.01 -0.13
C2 OLC R . -0.08 26.24 -0.71
C21 OLC R . 1.03 29.14 -0.72
C1 OLC R . -0.77 27.58 -0.67
C22 OLC R . 2.38 28.89 0.00
O19 OLC R . -1.85 27.79 -1.20
O25 OLC R . 3.72 30.88 0.32
O23 OLC R . 2.48 27.60 0.66
O20 OLC R . -0.08 28.53 0.00
C18 OLC S . 8.52 -5.85 -23.81
C10 OLC S . 5.14 3.34 -23.67
C9 OLC S . 4.51 4.09 -24.58
C17 OLC S . 7.75 -4.57 -23.37
C11 OLC S . 4.99 1.86 -23.45
C8 OLC S . 3.49 3.64 -25.60
C24 OLC S . -8.49 7.67 -28.86
C16 OLC S . 8.39 -3.27 -23.95
C12 OLC S . 5.85 1.07 -24.47
C7 OLC S . 2.03 3.87 -25.11
C15 OLC S . 7.36 -2.46 -24.79
C13 OLC S . 6.28 -0.33 -23.90
C6 OLC S . 1.20 4.76 -26.07
C14 OLC S . 7.53 -0.92 -24.60
C5 OLC S . -0.24 5.01 -25.55
C4 OLC S . -0.88 6.29 -26.17
C3 OLC S . -1.66 5.96 -27.48
C2 OLC S . -2.99 6.75 -27.56
C21 OLC S . -6.13 6.66 -29.23
C1 OLC S . -3.81 6.41 -28.78
C22 OLC S . -7.30 6.91 -28.23
O19 OLC S . -3.34 6.50 -29.91
O25 OLC S . -9.24 8.34 -27.82
O23 OLC S . -7.72 5.66 -27.64
O20 OLC S . -5.06 6.00 -28.51
C18 OLC T . 13.78 -8.17 -19.80
C10 OLC T . 10.52 0.30 -22.33
C9 OLC T . 10.14 1.59 -22.47
C17 OLC T . 12.68 -7.18 -20.28
C11 OLC T . 11.37 -0.28 -21.22
C8 OLC T . 9.29 2.14 -23.58
C24 OLC T . 1.91 9.66 -29.98
C16 OLC T . 12.38 -6.03 -19.28
C12 OLC T . 10.90 -1.73 -20.88
C7 OLC T . 9.69 3.60 -23.92
C15 OLC T . 12.11 -4.72 -20.07
C13 OLC T . 11.62 -2.24 -19.61
C6 OLC T . 9.05 4.03 -25.28
C14 OLC T . 11.22 -3.71 -19.30
C5 OLC T . 9.21 5.55 -25.60
C4 OLC T . 7.83 6.27 -25.61
C3 OLC T . 7.81 7.43 -26.65
C2 OLC T . 6.56 7.30 -27.55
C21 OLC T . 4.15 8.56 -29.32
C1 OLC T . 6.34 8.47 -28.48
C22 OLC T . 2.75 9.01 -28.84
O19 OLC T . 7.22 8.84 -29.26
O25 OLC T . 0.66 10.09 -29.42
O23 OLC T . 2.02 7.91 -28.25
O20 OLC T . 5.14 9.06 -28.38
C18 OLC U . 10.58 4.08 5.78
C10 OLC U . 3.72 8.48 3.12
C9 OLC U . 2.66 9.26 2.85
C17 OLC U . 9.42 3.92 4.76
C11 OLC U . 5.08 8.94 3.58
C8 OLC U . 2.59 10.77 2.94
C24 OLC U . -1.70 20.78 2.81
C16 OLC U . 8.04 4.04 5.47
C12 OLC U . 5.97 7.72 3.91
C7 OLC U . 1.74 11.20 4.17
C15 OLC U . 7.23 5.25 4.92
C13 OLC U . 6.35 7.64 5.43
C6 OLC U . 2.61 11.78 5.33
C14 OLC U . 7.38 6.53 5.79
C5 OLC U . 2.82 13.32 5.20
C4 OLC U . 1.75 14.15 5.94
C3 OLC U . 0.46 14.35 5.09
C2 OLC U . 0.46 15.71 4.32
C21 OLC U . -0.93 18.46 3.60
C1 OLC U . -0.14 16.82 5.12
C22 OLC U . -1.85 19.68 3.88
O19 OLC U . 0.32 17.13 6.21
O25 OLC U . -2.57 21.88 3.11
O23 OLC U . -3.23 19.29 4.03
O20 OLC U . -1.22 17.42 4.57
C18 OLC V . -5.13 1.81 -8.83
C10 OLC V . -6.15 7.84 -9.09
C9 OLC V . -7.44 7.86 -9.48
C17 OLC V . -6.09 2.95 -9.20
C11 OLC V . -5.60 8.10 -7.71
C8 OLC V . -8.64 8.18 -8.63
C24 OLC V . -6.35 18.04 -13.04
C16 OLC V . -5.32 4.27 -9.50
C12 OLC V . -4.06 8.31 -7.77
C7 OLC V . -9.89 8.36 -9.54
C15 OLC V . -4.58 4.85 -8.25
C13 OLC V . -3.29 7.00 -7.52
C6 OLC V . -10.11 9.87 -9.85
C14 OLC V . -3.54 5.95 -8.65
C5 OLC V . -10.67 10.12 -11.28
C4 OLC V . -9.57 10.57 -12.30
C3 OLC V . -8.71 11.76 -11.78
C2 OLC V . -7.65 12.18 -12.84
C21 OLC V . -7.36 15.78 -12.35
C1 OLC V . -6.95 13.48 -12.48
C22 OLC V . -6.07 16.55 -12.71
O19 OLC V . -6.05 13.55 -11.68
O25 OLC V . -5.72 18.83 -12.03
O23 OLC V . -5.13 16.42 -11.64
O20 OLC V . -7.37 14.55 -13.12
C1 GOL W . 25.07 -3.21 -5.58
O1 GOL W . 25.52 -3.22 -4.22
C2 GOL W . 26.33 -3.07 -6.47
O2 GOL W . 27.07 -4.31 -6.51
C3 GOL W . 26.02 -2.48 -7.87
O3 GOL W . 25.10 -3.34 -8.56
#